data_6HPS
#
_entry.id   6HPS
#
_cell.length_a   47.509
_cell.length_b   114.016
_cell.length_c   101.557
_cell.angle_alpha   90.000
_cell.angle_beta   98.180
_cell.angle_gamma   90.000
#
_symmetry.space_group_name_H-M   'P 1 21 1'
#
loop_
_entity.id
_entity.type
_entity.pdbx_description
1 polymer 'Luciferin 4-monooxygenase'
2 non-polymer '[(2~{R},3~{S},4~{R},5~{R})-5-(6-aminopurin-9-yl)-3,4-bis(oxidanyl)oxolan-2-yl]methyl ~{N}-[[2-[(~{E})-2-(6-oxidanyl-1,3-benzothiazol-2-yl)ethenyl]-1,3-thiazol-4-yl]carbonyl]sulfamate'
#
_entity_poly.entity_id   1
_entity_poly.type   'polypeptide(L)'
_entity_poly.pdbx_seq_one_letter_code
;AKNIKKGPAPFYPLEDGTAGEQLHKAMKRYALVPGTIAFTDAHIEVNITYAEYFEMSVRLAEAMKRYGLNTNHRIVVCSE
NSLQFFMPVLGALFIGVAVAPANDIYNERELLNSMNISQPTVVFVSKKGLQKILNVQKKLPIIQKIIIMDSKTDYQGFQS
MYTFVTSHLPPGFNEYDFVPESFDRDKTIALIMNSSGSTGLPKGVALPHRTACVRFSHARDPIFGNQIIPDTAILSVVPF
HHGFGMFTTLGYLICGFRVVLMYRFEEELFLRSLQDYKIQSALLVPTLFSFFAKSTLIDKYDLSNLHEIASGGAPLSKEV
GEAVAKRFHLPGIRQGYGLTETTSAILITPEGDDKPGAVGKVVPFFEAKVVDLDTGKTLGVNQRGELCVRGPMIMSGYVN
NPEATNALIDKDGWLHSGDIAYWDEDEHFFIVDRLKSLIKYKGYQVAPAELESILLQHPNIFDAGVAGLPDDDAGELPAA
VVVLEHGKTMTEKEIVDYVASQVTTAKKLRGGVVFVDEVPKGLTGKLDARKIREILIKAKKGG
;
_entity_poly.pdbx_strand_id   A,B
#
# COMPACT_ATOMS: atom_id res chain seq x y z
N LYS A 2 45.40 19.27 -20.50
CA LYS A 2 46.22 18.02 -20.55
C LYS A 2 45.34 16.86 -20.01
N ASN A 3 45.06 16.94 -18.70
CA ASN A 3 44.19 15.98 -18.03
C ASN A 3 42.71 16.33 -18.32
N ILE A 4 42.45 17.47 -18.97
CA ILE A 4 41.11 17.95 -19.39
C ILE A 4 40.65 17.09 -20.56
N LYS A 5 39.61 16.27 -20.33
CA LYS A 5 39.02 15.43 -21.38
C LYS A 5 37.99 16.25 -22.18
N LYS A 6 38.37 16.65 -23.39
CA LYS A 6 37.52 17.43 -24.29
C LYS A 6 36.77 16.46 -25.20
N GLY A 7 35.57 16.84 -25.63
CA GLY A 7 34.79 16.07 -26.59
C GLY A 7 35.31 16.28 -28.00
N PRO A 8 34.82 15.49 -28.98
CA PRO A 8 35.33 15.65 -30.35
C PRO A 8 34.62 16.77 -31.12
N ALA A 9 34.88 16.83 -32.43
CA ALA A 9 34.12 17.69 -33.33
C ALA A 9 32.75 17.02 -33.57
N PRO A 10 31.74 17.81 -33.97
CA PRO A 10 30.41 17.25 -34.26
C PRO A 10 30.19 17.02 -35.76
N PHE A 11 29.46 15.95 -36.10
CA PHE A 11 29.12 15.66 -37.51
C PHE A 11 28.21 16.78 -38.02
N TYR A 12 27.18 17.08 -37.23
CA TYR A 12 26.19 18.11 -37.50
C TYR A 12 26.57 19.36 -36.67
N PRO A 13 27.23 20.39 -37.26
CA PRO A 13 27.60 21.59 -36.46
C PRO A 13 26.36 22.37 -35.96
N LEU A 14 26.60 23.21 -34.95
CA LEU A 14 25.57 24.01 -34.25
C LEU A 14 24.87 24.93 -35.28
N GLU A 15 23.63 24.60 -35.64
CA GLU A 15 22.84 25.35 -36.67
C GLU A 15 22.37 26.70 -36.08
N ASP A 16 22.41 27.77 -36.88
CA ASP A 16 21.97 29.15 -36.47
C ASP A 16 20.49 29.19 -36.03
N GLY A 17 20.07 30.27 -35.40
CA GLY A 17 18.64 30.44 -35.03
C GLY A 17 18.30 29.91 -33.65
N THR A 18 17.04 30.11 -33.23
CA THR A 18 16.53 29.68 -31.90
C THR A 18 16.08 28.22 -31.90
N ALA A 19 15.87 27.67 -30.71
CA ALA A 19 15.33 26.29 -30.57
C ALA A 19 13.99 26.19 -31.29
N GLY A 20 13.20 27.24 -31.16
CA GLY A 20 11.92 27.36 -31.81
C GLY A 20 12.04 27.38 -33.33
N GLU A 21 12.99 28.16 -33.87
CA GLU A 21 13.20 28.26 -35.33
C GLU A 21 13.69 26.92 -35.87
N GLN A 22 14.72 26.36 -35.22
CA GLN A 22 15.30 25.05 -35.63
C GLN A 22 14.23 23.94 -35.56
N LEU A 23 13.39 23.91 -34.52
CA LEU A 23 12.28 22.91 -34.41
C LEU A 23 11.28 23.05 -35.55
N HIS A 24 10.85 24.29 -35.81
CA HIS A 24 9.89 24.63 -36.87
C HIS A 24 10.41 24.12 -38.22
N LYS A 25 11.57 24.62 -38.62
CA LYS A 25 12.18 24.24 -39.89
C LYS A 25 12.06 22.73 -40.07
N ALA A 26 12.42 21.98 -39.05
CA ALA A 26 12.41 20.50 -39.09
C ALA A 26 10.98 19.93 -39.24
N MET A 27 10.06 20.26 -38.35
CA MET A 27 8.70 19.68 -38.38
C MET A 27 7.89 20.11 -39.62
N LYS A 28 8.37 21.10 -40.37
CA LYS A 28 7.80 21.45 -41.67
C LYS A 28 8.30 20.43 -42.70
N ARG A 29 9.59 20.06 -42.59
CA ARG A 29 10.31 19.05 -43.44
C ARG A 29 9.44 17.80 -43.56
N TYR A 30 9.17 17.21 -42.40
CA TYR A 30 8.49 15.93 -42.21
C TYR A 30 6.96 16.07 -42.37
N ALA A 31 6.39 17.27 -42.17
CA ALA A 31 4.94 17.49 -42.34
C ALA A 31 4.57 17.48 -43.84
N LEU A 32 5.37 18.14 -44.69
CA LEU A 32 5.16 18.17 -46.17
C LEU A 32 5.32 16.75 -46.73
N VAL A 33 6.08 15.88 -46.06
CA VAL A 33 6.16 14.47 -46.41
C VAL A 33 4.89 13.81 -45.84
N PRO A 34 3.95 13.40 -46.70
CA PRO A 34 2.70 12.83 -46.18
C PRO A 34 2.90 11.48 -45.46
N GLY A 35 2.10 11.23 -44.43
CA GLY A 35 2.10 9.96 -43.69
C GLY A 35 3.10 9.89 -42.55
N THR A 36 4.05 10.82 -42.45
CA THR A 36 5.11 10.78 -41.42
C THR A 36 4.49 10.81 -40.02
N ILE A 37 4.86 9.88 -39.13
CA ILE A 37 4.29 9.84 -37.76
C ILE A 37 5.29 10.51 -36.81
N ALA A 38 4.76 11.33 -35.91
CA ALA A 38 5.54 12.05 -34.89
C ALA A 38 5.41 11.35 -33.55
N PHE A 39 4.16 11.16 -33.09
CA PHE A 39 3.89 10.45 -31.82
C PHE A 39 2.85 9.36 -32.05
N THR A 40 3.02 8.26 -31.31
CA THR A 40 2.11 7.12 -31.30
C THR A 40 1.82 6.75 -29.84
N ASP A 41 0.54 6.51 -29.54
CA ASP A 41 0.12 6.02 -28.21
C ASP A 41 0.03 4.49 -28.30
N ALA A 42 0.64 3.78 -27.37
CA ALA A 42 0.62 2.32 -27.41
C ALA A 42 -0.61 1.77 -26.64
N HIS A 43 -0.99 2.40 -25.53
CA HIS A 43 -2.11 1.95 -24.69
C HIS A 43 -3.43 1.99 -25.46
N ILE A 44 -3.59 2.97 -26.35
CA ILE A 44 -4.83 3.15 -27.13
C ILE A 44 -4.57 3.05 -28.65
N GLU A 45 -3.35 2.73 -29.07
CA GLU A 45 -3.00 2.50 -30.47
C GLU A 45 -3.55 3.59 -31.40
N VAL A 46 -3.19 4.83 -31.10
CA VAL A 46 -3.57 6.01 -31.87
C VAL A 46 -2.27 6.68 -32.36
N ASN A 47 -2.22 6.98 -33.65
CA ASN A 47 -1.10 7.64 -34.27
C ASN A 47 -1.42 9.13 -34.40
N ILE A 48 -0.43 9.91 -34.77
CA ILE A 48 -0.58 11.36 -35.07
C ILE A 48 0.65 11.80 -35.84
N THR A 49 0.37 12.38 -36.99
CA THR A 49 1.38 12.72 -37.95
C THR A 49 2.06 14.06 -37.62
N TYR A 50 3.21 14.27 -38.27
CA TYR A 50 3.95 15.53 -38.16
C TYR A 50 3.12 16.66 -38.75
N ALA A 51 2.29 16.36 -39.76
CA ALA A 51 1.38 17.37 -40.32
C ALA A 51 0.41 17.83 -39.24
N GLU A 52 -0.30 16.88 -38.64
CA GLU A 52 -1.27 17.13 -37.58
C GLU A 52 -0.56 17.81 -36.39
N TYR A 53 0.66 17.40 -36.06
CA TYR A 53 1.42 17.94 -34.88
C TYR A 53 2.03 19.32 -35.24
N PHE A 54 2.82 19.40 -36.33
CA PHE A 54 3.35 20.67 -36.80
C PHE A 54 2.26 21.74 -36.80
N GLU A 55 1.11 21.40 -37.39
CA GLU A 55 -0.02 22.33 -37.52
C GLU A 55 -0.53 22.79 -36.16
N MET A 56 -1.01 21.84 -35.36
CA MET A 56 -1.65 22.10 -34.05
C MET A 56 -0.67 22.80 -33.09
N SER A 57 0.65 22.63 -33.30
CA SER A 57 1.71 23.35 -32.53
C SER A 57 1.81 24.81 -33.01
N VAL A 58 1.78 25.02 -34.33
CA VAL A 58 1.80 26.38 -34.96
C VAL A 58 0.52 27.13 -34.56
N ARG A 59 -0.62 26.43 -34.58
CA ARG A 59 -1.90 27.03 -34.22
C ARG A 59 -1.82 27.56 -32.78
N LEU A 60 -1.31 26.75 -31.86
CA LEU A 60 -1.11 27.14 -30.42
C LEU A 60 -0.10 28.27 -30.27
N ALA A 61 0.97 28.29 -31.08
CA ALA A 61 2.03 29.35 -31.04
C ALA A 61 1.41 30.71 -31.35
N GLU A 62 0.68 30.78 -32.46
CA GLU A 62 -0.02 32.00 -32.90
C GLU A 62 -1.16 32.33 -31.94
N ALA A 63 -2.00 31.33 -31.65
CA ALA A 63 -3.12 31.47 -30.72
C ALA A 63 -2.63 32.17 -29.44
N MET A 64 -1.51 31.69 -28.89
CA MET A 64 -0.89 32.34 -27.75
C MET A 64 -0.38 33.73 -28.17
N LYS A 65 0.44 33.83 -29.22
CA LYS A 65 1.02 35.12 -29.66
C LYS A 65 -0.03 36.23 -29.59
N ARG A 66 -1.21 35.95 -30.13
CA ARG A 66 -2.33 36.90 -30.14
C ARG A 66 -2.90 37.11 -28.72
N TYR A 67 -3.09 36.03 -27.94
CA TYR A 67 -3.60 36.08 -26.50
C TYR A 67 -2.76 37.08 -25.68
N GLY A 68 -1.49 37.30 -26.06
CA GLY A 68 -0.64 38.34 -25.48
C GLY A 68 0.60 37.85 -24.75
N LEU A 69 1.14 36.67 -25.07
CA LEU A 69 2.37 36.15 -24.40
C LEU A 69 3.59 36.54 -25.25
N ASN A 70 4.72 36.81 -24.62
CA ASN A 70 5.93 37.25 -25.31
C ASN A 70 7.13 36.72 -24.52
N THR A 71 8.36 37.16 -24.84
CA THR A 71 9.59 36.73 -24.12
C THR A 71 9.57 37.05 -22.61
N ASN A 72 8.73 38.01 -22.13
CA ASN A 72 8.60 38.37 -20.71
C ASN A 72 7.51 37.49 -20.05
N HIS A 73 7.08 36.39 -20.66
CA HIS A 73 6.08 35.48 -20.05
C HIS A 73 6.55 34.01 -20.05
N ARG A 74 5.82 33.22 -19.27
CA ARG A 74 6.09 31.81 -19.03
C ARG A 74 4.77 31.04 -18.99
N ILE A 75 4.87 29.72 -18.96
CA ILE A 75 3.74 28.80 -18.88
C ILE A 75 4.13 27.55 -18.11
N VAL A 76 3.12 26.75 -17.79
CA VAL A 76 3.27 25.41 -17.21
C VAL A 76 2.63 24.41 -18.17
N VAL A 77 3.25 23.23 -18.23
CA VAL A 77 2.73 22.07 -18.91
C VAL A 77 2.71 21.01 -17.82
N CYS A 78 1.53 20.59 -17.40
CA CYS A 78 1.37 19.71 -16.26
C CYS A 78 0.55 18.46 -16.64
N SER A 79 1.23 17.53 -17.29
CA SER A 79 0.65 16.32 -17.87
C SER A 79 1.63 15.15 -17.83
N GLU A 80 1.08 13.94 -17.81
CA GLU A 80 1.88 12.71 -17.93
C GLU A 80 2.22 12.54 -19.42
N ASN A 81 2.99 11.50 -19.74
CA ASN A 81 3.35 11.23 -21.15
C ASN A 81 2.07 11.00 -21.96
N SER A 82 1.82 11.85 -22.96
CA SER A 82 0.64 11.75 -23.81
C SER A 82 0.94 12.29 -25.21
N LEU A 83 -0.01 12.12 -26.12
CA LEU A 83 0.14 12.68 -27.46
C LEU A 83 0.05 14.20 -27.40
N GLN A 84 -0.66 14.72 -26.40
CA GLN A 84 -0.96 16.15 -26.28
C GLN A 84 0.24 16.95 -25.75
N PHE A 85 1.03 16.36 -24.84
CA PHE A 85 2.16 17.02 -24.09
C PHE A 85 3.06 17.97 -24.91
N PHE A 86 3.64 17.52 -26.03
CA PHE A 86 4.62 18.38 -26.75
C PHE A 86 3.95 19.38 -27.69
N MET A 87 2.61 19.43 -27.80
CA MET A 87 1.96 20.45 -28.66
C MET A 87 2.19 21.84 -28.03
N PRO A 88 1.85 22.03 -26.74
CA PRO A 88 2.12 23.34 -26.08
C PRO A 88 3.62 23.63 -25.82
N VAL A 89 4.47 22.62 -25.81
CA VAL A 89 5.91 22.80 -25.66
C VAL A 89 6.44 23.49 -26.93
N LEU A 90 6.14 22.85 -28.07
CA LEU A 90 6.53 23.38 -29.39
C LEU A 90 5.92 24.77 -29.58
N GLY A 91 4.63 24.89 -29.26
CA GLY A 91 3.93 26.16 -29.34
C GLY A 91 4.73 27.31 -28.74
N ALA A 92 5.10 27.14 -27.47
CA ALA A 92 5.82 28.17 -26.67
C ALA A 92 7.22 28.51 -27.21
N LEU A 93 7.96 27.50 -27.66
CA LEU A 93 9.35 27.73 -28.14
C LEU A 93 9.37 28.56 -29.43
N PHE A 94 8.32 28.45 -30.25
CA PHE A 94 8.26 29.20 -31.52
C PHE A 94 8.10 30.72 -31.35
N ILE A 95 7.58 31.19 -30.20
CA ILE A 95 7.36 32.64 -29.97
C ILE A 95 8.26 33.22 -28.86
N GLY A 96 9.07 32.41 -28.17
CA GLY A 96 9.96 32.91 -27.11
C GLY A 96 9.32 32.97 -25.73
N VAL A 97 8.24 32.22 -25.48
CA VAL A 97 7.67 32.07 -24.13
C VAL A 97 8.43 30.88 -23.53
N ALA A 98 8.98 31.00 -22.34
CA ALA A 98 9.68 29.89 -21.67
C ALA A 98 8.64 28.85 -21.22
N VAL A 99 9.08 27.60 -21.06
CA VAL A 99 8.21 26.49 -20.62
C VAL A 99 8.76 25.90 -19.31
N ALA A 100 7.84 25.61 -18.39
CA ALA A 100 8.18 24.99 -17.10
C ALA A 100 7.40 23.68 -17.00
N PRO A 101 8.00 22.56 -17.44
CA PRO A 101 7.27 21.27 -17.34
C PRO A 101 6.99 20.90 -15.88
N ALA A 102 5.89 20.18 -15.65
CA ALA A 102 5.50 19.71 -14.32
C ALA A 102 5.19 18.21 -14.38
N ASN A 103 5.17 17.64 -13.19
CA ASN A 103 5.02 16.21 -12.92
C ASN A 103 3.52 15.93 -12.71
N ASP A 104 2.88 15.09 -13.51
CA ASP A 104 1.47 14.78 -13.26
C ASP A 104 1.31 14.10 -11.90
N ILE A 105 2.27 13.27 -11.48
CA ILE A 105 2.22 12.60 -10.17
C ILE A 105 2.60 13.59 -9.05
N TYR A 106 3.28 14.73 -9.32
CA TYR A 106 3.66 15.72 -8.26
C TYR A 106 2.51 15.95 -7.26
N ASN A 107 2.86 16.02 -5.97
CA ASN A 107 1.87 16.26 -4.90
C ASN A 107 1.67 17.78 -4.78
N GLU A 108 0.73 18.17 -3.93
CA GLU A 108 0.28 19.57 -3.75
C GLU A 108 1.44 20.54 -3.45
N ARG A 109 2.25 20.29 -2.40
CA ARG A 109 3.42 21.19 -2.02
C ARG A 109 4.44 21.23 -3.16
N GLU A 110 4.81 20.05 -3.66
CA GLU A 110 5.76 19.90 -4.76
C GLU A 110 5.31 20.78 -5.94
N LEU A 111 4.05 20.61 -6.33
CA LEU A 111 3.44 21.33 -7.45
C LEU A 111 3.53 22.84 -7.23
N LEU A 112 3.03 23.33 -6.09
CA LEU A 112 3.02 24.78 -5.72
C LEU A 112 4.40 25.40 -5.82
N ASN A 113 5.41 24.68 -5.32
CA ASN A 113 6.78 25.20 -5.28
C ASN A 113 7.31 25.47 -6.71
N SER A 114 6.96 24.58 -7.63
CA SER A 114 7.32 24.73 -9.04
C SER A 114 6.58 25.92 -9.64
N MET A 115 5.30 26.06 -9.30
CA MET A 115 4.46 27.15 -9.80
C MET A 115 4.99 28.50 -9.31
N ASN A 116 5.25 28.63 -8.00
CA ASN A 116 5.79 29.87 -7.38
C ASN A 116 7.11 30.29 -8.04
N ILE A 117 7.93 29.32 -8.41
CA ILE A 117 9.19 29.57 -9.11
C ILE A 117 8.90 29.93 -10.57
N SER A 118 8.09 29.12 -11.23
CA SER A 118 7.80 29.29 -12.67
C SER A 118 7.06 30.59 -13.00
N GLN A 119 6.20 31.07 -12.09
CA GLN A 119 5.35 32.26 -12.29
C GLN A 119 4.68 32.17 -13.66
N PRO A 120 3.79 31.15 -13.86
CA PRO A 120 3.15 30.90 -15.16
C PRO A 120 1.89 31.73 -15.42
N THR A 121 1.82 32.29 -16.63
CA THR A 121 0.70 33.15 -17.10
C THR A 121 -0.48 32.26 -17.52
N VAL A 122 -0.19 31.19 -18.26
CA VAL A 122 -1.17 30.21 -18.78
C VAL A 122 -0.71 28.81 -18.34
N VAL A 123 -1.59 28.03 -17.72
CA VAL A 123 -1.25 26.70 -17.20
C VAL A 123 -1.97 25.62 -18.00
N PHE A 124 -1.23 24.76 -18.70
CA PHE A 124 -1.78 23.63 -19.47
C PHE A 124 -1.80 22.39 -18.56
N VAL A 125 -2.93 21.70 -18.47
CA VAL A 125 -3.07 20.58 -17.54
C VAL A 125 -4.02 19.51 -18.09
N SER A 126 -3.78 18.28 -17.65
CA SER A 126 -4.59 17.12 -17.95
C SER A 126 -5.82 17.15 -17.05
N LYS A 127 -6.82 16.37 -17.44
CA LYS A 127 -8.07 16.22 -16.68
C LYS A 127 -7.78 15.54 -15.34
N LYS A 128 -6.76 14.70 -15.26
CA LYS A 128 -6.35 14.11 -13.99
C LYS A 128 -5.75 15.21 -13.11
N GLY A 129 -4.83 15.96 -13.71
CA GLY A 129 -4.04 17.00 -13.03
C GLY A 129 -4.79 18.26 -12.66
N LEU A 130 -5.91 18.57 -13.31
CA LEU A 130 -6.65 19.83 -13.08
C LEU A 130 -6.87 20.13 -11.60
N GLN A 131 -7.45 19.20 -10.84
CA GLN A 131 -7.90 19.48 -9.46
C GLN A 131 -6.74 19.82 -8.51
N LYS A 132 -5.51 19.41 -8.80
CA LYS A 132 -4.39 19.85 -7.97
C LYS A 132 -4.08 21.32 -8.33
N ILE A 133 -4.19 21.70 -9.61
CA ILE A 133 -3.94 23.08 -10.05
C ILE A 133 -4.95 23.98 -9.31
N LEU A 134 -6.25 23.64 -9.41
CA LEU A 134 -7.35 24.41 -8.74
C LEU A 134 -7.02 24.65 -7.26
N ASN A 135 -6.43 23.64 -6.62
CA ASN A 135 -6.06 23.73 -5.22
C ASN A 135 -4.93 24.76 -5.07
N VAL A 136 -3.82 24.58 -5.80
CA VAL A 136 -2.64 25.48 -5.67
C VAL A 136 -2.93 26.86 -6.26
N GLN A 137 -3.83 26.99 -7.24
CA GLN A 137 -4.04 28.32 -7.86
C GLN A 137 -4.64 29.29 -6.82
N LYS A 138 -5.19 28.75 -5.73
CA LYS A 138 -5.72 29.53 -4.59
C LYS A 138 -4.66 30.46 -3.99
N LYS A 139 -3.36 30.20 -4.19
CA LYS A 139 -2.26 31.10 -3.76
C LYS A 139 -1.41 31.51 -4.98
N LEU A 140 -1.92 31.39 -6.21
CA LEU A 140 -1.16 31.70 -7.42
C LEU A 140 -2.01 32.60 -8.33
N PRO A 141 -1.99 33.92 -8.04
CA PRO A 141 -2.73 34.97 -8.76
C PRO A 141 -2.06 35.44 -10.06
N ILE A 142 -0.84 35.00 -10.33
CA ILE A 142 -0.15 35.28 -11.61
C ILE A 142 -0.89 34.57 -12.74
N ILE A 143 -1.44 33.38 -12.41
CA ILE A 143 -2.18 32.51 -13.33
C ILE A 143 -3.49 33.20 -13.75
N GLN A 144 -3.69 33.35 -15.06
CA GLN A 144 -4.96 33.88 -15.65
C GLN A 144 -5.77 32.76 -16.31
N LYS A 145 -5.12 31.74 -16.89
CA LYS A 145 -5.81 30.78 -17.73
C LYS A 145 -5.37 29.35 -17.46
N ILE A 146 -6.36 28.47 -17.29
CA ILE A 146 -6.17 27.03 -17.21
C ILE A 146 -6.78 26.47 -18.51
N ILE A 147 -5.98 25.69 -19.23
CA ILE A 147 -6.37 25.06 -20.49
C ILE A 147 -6.31 23.54 -20.32
N ILE A 148 -7.40 22.84 -20.63
CA ILE A 148 -7.43 21.37 -20.51
C ILE A 148 -6.80 20.77 -21.77
N MET A 149 -5.80 19.91 -21.60
CA MET A 149 -5.02 19.36 -22.74
C MET A 149 -5.78 18.23 -23.46
N ASP A 150 -6.13 17.19 -22.73
CA ASP A 150 -6.72 16.00 -23.35
C ASP A 150 -8.24 16.12 -23.46
N SER A 151 -8.69 17.14 -24.16
CA SER A 151 -10.13 17.42 -24.43
C SER A 151 -10.24 18.18 -25.75
N LYS A 152 -11.45 18.14 -26.33
CA LYS A 152 -11.73 18.85 -27.58
C LYS A 152 -12.81 19.94 -27.35
N THR A 153 -13.73 19.74 -26.40
CA THR A 153 -14.81 20.71 -26.05
C THR A 153 -14.44 21.43 -24.76
N ASP A 154 -15.04 22.59 -24.51
CA ASP A 154 -14.73 23.34 -23.29
C ASP A 154 -15.14 22.50 -22.08
N TYR A 155 -14.18 22.23 -21.19
CA TYR A 155 -14.37 21.36 -20.01
C TYR A 155 -14.45 22.20 -18.73
N GLN A 156 -15.58 22.12 -18.03
CA GLN A 156 -15.88 22.81 -16.74
C GLN A 156 -15.56 24.31 -16.80
N GLY A 157 -15.82 24.93 -17.95
CA GLY A 157 -15.56 26.37 -18.14
C GLY A 157 -14.12 26.69 -18.52
N PHE A 158 -13.27 25.67 -18.62
CA PHE A 158 -11.90 25.80 -19.03
C PHE A 158 -11.83 25.38 -20.49
N GLN A 159 -11.11 26.16 -21.29
CA GLN A 159 -10.98 25.90 -22.71
C GLN A 159 -10.13 24.66 -23.00
N SER A 160 -10.35 24.08 -24.18
CA SER A 160 -9.48 23.02 -24.69
C SER A 160 -8.42 23.71 -25.56
N MET A 161 -7.35 23.00 -25.88
CA MET A 161 -6.33 23.56 -26.75
C MET A 161 -6.97 23.86 -28.12
N TYR A 162 -7.91 23.03 -28.53
CA TYR A 162 -8.58 23.15 -29.83
C TYR A 162 -9.49 24.38 -29.84
N THR A 163 -10.19 24.66 -28.74
CA THR A 163 -11.12 25.80 -28.68
C THR A 163 -10.31 27.09 -28.52
N PHE A 164 -9.31 27.10 -27.60
CA PHE A 164 -8.37 28.23 -27.35
C PHE A 164 -7.84 28.71 -28.69
N VAL A 165 -7.32 27.76 -29.44
CA VAL A 165 -6.80 27.98 -30.78
C VAL A 165 -7.82 28.75 -31.64
N THR A 166 -9.02 28.21 -31.92
CA THR A 166 -10.01 28.89 -32.80
C THR A 166 -10.32 30.29 -32.32
N SER A 167 -10.55 30.45 -31.01
CA SER A 167 -10.99 31.75 -30.43
C SER A 167 -9.90 32.83 -30.45
N HIS A 168 -8.72 32.56 -31.03
CA HIS A 168 -7.66 33.53 -31.20
C HIS A 168 -7.19 33.52 -32.65
N LEU A 169 -7.04 32.34 -33.27
CA LEU A 169 -6.69 32.28 -34.67
C LEU A 169 -7.76 32.98 -35.52
N PRO A 170 -7.31 33.72 -36.54
CA PRO A 170 -8.16 34.26 -37.56
C PRO A 170 -8.83 33.12 -38.32
N PRO A 171 -10.09 33.28 -38.73
CA PRO A 171 -10.74 32.29 -39.56
C PRO A 171 -9.90 31.85 -40.78
N GLY A 172 -9.48 32.79 -41.64
CA GLY A 172 -8.65 32.49 -42.83
C GLY A 172 -7.17 32.64 -42.52
N PHE A 173 -6.59 31.55 -41.99
CA PHE A 173 -5.18 31.49 -41.53
C PHE A 173 -4.51 30.19 -42.01
N ASN A 174 -3.25 30.29 -42.44
CA ASN A 174 -2.46 29.15 -42.97
C ASN A 174 -1.30 28.81 -42.01
N GLU A 175 -1.20 27.53 -41.71
CA GLU A 175 -0.21 27.00 -40.77
C GLU A 175 1.16 26.97 -41.45
N TYR A 176 1.16 26.79 -42.77
CA TYR A 176 2.40 26.71 -43.60
C TYR A 176 2.94 28.11 -43.95
N ASP A 177 2.22 29.18 -43.57
CA ASP A 177 2.62 30.58 -43.72
C ASP A 177 3.12 31.12 -42.37
N PHE A 178 2.85 30.46 -41.23
CA PHE A 178 3.37 30.91 -39.91
C PHE A 178 4.91 31.10 -39.94
N VAL A 179 5.38 32.11 -39.18
CA VAL A 179 6.81 32.43 -39.00
C VAL A 179 7.06 32.51 -37.48
N PRO A 180 8.10 31.80 -36.99
CA PRO A 180 8.43 31.82 -35.56
C PRO A 180 9.21 33.08 -35.20
N GLU A 181 8.98 33.57 -33.98
CA GLU A 181 9.66 34.76 -33.51
C GLU A 181 11.15 34.48 -33.40
N SER A 182 11.94 35.51 -33.77
CA SER A 182 13.38 35.54 -33.71
C SER A 182 13.79 36.40 -32.51
N PHE A 183 14.86 36.02 -31.79
CA PHE A 183 15.34 36.73 -30.56
C PHE A 183 16.77 36.26 -30.17
N ASP A 184 17.30 36.85 -29.09
CA ASP A 184 18.63 36.52 -28.53
C ASP A 184 18.55 35.19 -27.76
N ARG A 185 19.03 34.11 -28.38
CA ARG A 185 18.95 32.73 -27.80
C ARG A 185 19.85 32.52 -26.59
N ASP A 186 20.86 33.39 -26.40
CA ASP A 186 21.69 33.35 -25.18
C ASP A 186 20.88 33.91 -24.01
N LYS A 187 20.10 34.97 -24.28
CA LYS A 187 19.31 35.69 -23.25
C LYS A 187 17.93 35.05 -23.04
N THR A 188 17.17 34.81 -24.09
CA THR A 188 15.78 34.26 -24.01
C THR A 188 15.75 32.84 -23.42
N ILE A 189 15.00 32.67 -22.33
CA ILE A 189 14.88 31.37 -21.61
C ILE A 189 13.95 30.44 -22.40
N ALA A 190 14.38 29.23 -22.65
CA ALA A 190 13.60 28.24 -23.41
C ALA A 190 12.78 27.34 -22.47
N LEU A 191 13.45 26.76 -21.50
CA LEU A 191 12.88 25.86 -20.50
C LEU A 191 13.18 26.37 -19.09
N ILE A 192 12.35 25.94 -18.16
CA ILE A 192 12.58 26.10 -16.71
C ILE A 192 12.32 24.71 -16.10
N MET A 193 13.40 24.00 -15.78
CA MET A 193 13.34 22.64 -15.26
C MET A 193 13.31 22.69 -13.72
N ASN A 194 12.60 21.69 -13.20
CA ASN A 194 12.45 21.46 -11.76
C ASN A 194 13.53 20.43 -11.44
N SER A 195 14.34 20.69 -10.42
CA SER A 195 15.44 19.81 -10.05
C SER A 195 14.98 18.81 -8.97
N SER A 196 15.93 18.06 -8.37
CA SER A 196 15.66 17.22 -7.17
C SER A 196 15.93 18.05 -5.90
N GLY A 197 16.37 19.32 -6.07
CA GLY A 197 16.65 20.30 -5.00
C GLY A 197 17.70 19.84 -4.01
N SER A 198 18.63 18.96 -4.42
CA SER A 198 19.56 18.28 -3.51
C SER A 198 18.73 17.68 -2.36
N THR A 199 18.55 18.44 -1.28
CA THR A 199 17.75 18.06 -0.12
C THR A 199 16.90 19.27 0.28
N GLY A 200 15.75 19.44 -0.39
CA GLY A 200 14.83 20.57 -0.15
C GLY A 200 13.89 20.85 -1.32
N LEU A 201 13.18 21.98 -1.22
CA LEU A 201 12.19 22.45 -2.25
C LEU A 201 12.88 22.75 -3.60
N PRO A 202 12.76 21.82 -4.60
CA PRO A 202 13.45 21.96 -5.94
C PRO A 202 13.48 23.38 -6.54
N LYS A 203 14.63 23.72 -7.10
CA LYS A 203 14.96 25.08 -7.56
C LYS A 203 14.42 25.28 -8.98
N GLY A 204 14.68 26.45 -9.53
CA GLY A 204 14.29 26.81 -10.90
C GLY A 204 15.51 26.83 -11.81
N VAL A 205 15.73 25.72 -12.53
CA VAL A 205 16.88 25.58 -13.41
C VAL A 205 16.52 26.17 -14.77
N ALA A 206 17.03 27.38 -15.04
CA ALA A 206 16.72 28.15 -16.26
C ALA A 206 17.72 27.82 -17.37
N LEU A 207 17.19 27.38 -18.53
CA LEU A 207 17.97 26.89 -19.68
C LEU A 207 17.69 27.73 -20.93
N PRO A 208 18.64 28.57 -21.37
CA PRO A 208 18.45 29.40 -22.61
C PRO A 208 18.18 28.60 -23.91
N HIS A 209 17.69 29.31 -24.93
CA HIS A 209 17.49 28.71 -26.28
C HIS A 209 18.84 28.20 -26.83
N ARG A 210 19.95 28.88 -26.52
CA ARG A 210 21.34 28.48 -26.89
C ARG A 210 21.59 27.00 -26.56
N THR A 211 21.09 26.53 -25.40
CA THR A 211 21.35 25.17 -24.90
C THR A 211 20.69 24.12 -25.80
N ALA A 212 19.38 24.27 -26.04
CA ALA A 212 18.63 23.32 -26.89
C ALA A 212 19.25 23.24 -28.30
N CYS A 213 19.75 24.35 -28.86
CA CYS A 213 20.45 24.39 -30.18
C CYS A 213 21.66 23.45 -30.23
N VAL A 214 22.37 23.39 -29.09
CA VAL A 214 23.49 22.49 -28.93
C VAL A 214 22.94 21.07 -28.78
N ARG A 215 21.90 20.85 -27.96
CA ARG A 215 21.32 19.49 -27.76
C ARG A 215 20.99 18.84 -29.10
N PHE A 216 20.45 19.59 -30.06
CA PHE A 216 20.06 19.04 -31.38
C PHE A 216 21.31 18.55 -32.12
N SER A 217 22.42 19.28 -32.04
CA SER A 217 23.70 18.91 -32.68
C SER A 217 24.12 17.50 -32.24
N HIS A 218 23.85 17.14 -30.99
CA HIS A 218 24.17 15.80 -30.46
C HIS A 218 23.22 14.72 -31.03
N ALA A 219 21.91 15.02 -31.08
CA ALA A 219 20.87 14.04 -31.49
C ALA A 219 20.98 13.69 -32.97
N ARG A 220 21.53 14.60 -33.78
CA ARG A 220 21.74 14.37 -35.21
C ARG A 220 23.09 13.68 -35.45
N ASP A 221 24.00 13.73 -34.47
CA ASP A 221 25.34 13.11 -34.53
C ASP A 221 25.21 11.58 -34.55
N PRO A 222 25.74 10.89 -35.62
CA PRO A 222 25.70 9.41 -35.75
C PRO A 222 26.43 8.65 -34.63
N ILE A 223 27.57 9.20 -34.19
CA ILE A 223 28.35 8.60 -33.10
C ILE A 223 27.69 8.94 -31.76
N PHE A 224 27.52 10.23 -31.49
CA PHE A 224 27.02 10.70 -30.19
C PHE A 224 25.48 10.81 -30.14
N GLY A 225 24.74 10.17 -31.06
CA GLY A 225 23.27 10.19 -30.97
C GLY A 225 22.58 9.19 -31.89
N ASN A 226 21.80 9.71 -32.83
CA ASN A 226 21.02 8.93 -33.74
C ASN A 226 21.33 9.38 -35.15
N GLN A 227 21.62 8.42 -36.03
CA GLN A 227 21.84 8.70 -37.44
C GLN A 227 20.45 8.97 -38.02
N ILE A 228 20.28 10.04 -38.82
CA ILE A 228 18.93 10.46 -39.29
C ILE A 228 18.43 9.50 -40.36
N ILE A 229 17.89 8.38 -39.88
CA ILE A 229 17.18 7.41 -40.72
C ILE A 229 15.73 7.86 -40.56
N PRO A 230 15.06 8.26 -41.65
CA PRO A 230 13.68 8.67 -41.46
C PRO A 230 12.78 7.46 -41.14
N ASP A 231 11.67 7.77 -40.46
CA ASP A 231 10.64 6.81 -40.04
C ASP A 231 11.24 5.73 -39.12
N THR A 232 12.22 6.11 -38.30
CA THR A 232 12.73 5.26 -37.20
C THR A 232 11.70 5.40 -36.06
N ALA A 233 11.57 4.38 -35.23
CA ALA A 233 10.57 4.35 -34.18
C ALA A 233 11.23 4.13 -32.82
N ILE A 234 11.13 5.11 -31.94
CA ILE A 234 11.70 5.07 -30.61
C ILE A 234 10.56 4.76 -29.64
N LEU A 235 10.80 3.89 -28.65
CA LEU A 235 9.79 3.57 -27.63
C LEU A 235 10.23 4.26 -26.35
N SER A 236 9.65 5.43 -26.05
CA SER A 236 10.02 6.24 -24.85
C SER A 236 9.11 5.87 -23.67
N VAL A 237 9.72 5.46 -22.54
CA VAL A 237 8.99 5.25 -21.26
C VAL A 237 9.72 6.08 -20.19
N VAL A 238 10.16 7.27 -20.62
CA VAL A 238 10.82 8.30 -19.81
C VAL A 238 9.88 9.50 -19.62
N PRO A 239 9.63 9.96 -18.36
CA PRO A 239 8.82 11.17 -18.07
C PRO A 239 9.38 12.41 -18.80
N PHE A 240 8.53 12.97 -19.66
CA PHE A 240 8.91 14.05 -20.55
C PHE A 240 9.29 15.32 -19.78
N HIS A 241 8.72 15.55 -18.60
CA HIS A 241 8.97 16.79 -17.80
C HIS A 241 10.44 16.93 -17.40
N HIS A 242 11.10 15.81 -17.13
CA HIS A 242 12.53 15.79 -16.76
C HIS A 242 13.40 15.91 -18.03
N GLY A 243 14.67 16.27 -17.88
CA GLY A 243 15.61 16.50 -19.01
C GLY A 243 15.73 15.32 -19.98
N PHE A 244 15.82 14.09 -19.46
CA PHE A 244 15.99 12.85 -20.29
C PHE A 244 14.85 12.74 -21.31
N GLY A 245 13.61 12.63 -20.86
CA GLY A 245 12.43 12.52 -21.73
C GLY A 245 12.19 13.78 -22.55
N MET A 246 12.52 14.94 -22.00
CA MET A 246 12.35 16.25 -22.65
C MET A 246 13.23 16.37 -23.91
N PHE A 247 14.55 16.36 -23.69
CA PHE A 247 15.58 16.68 -24.72
C PHE A 247 15.84 15.53 -25.70
N THR A 248 15.56 14.27 -25.30
CA THR A 248 15.63 13.16 -26.22
C THR A 248 14.50 13.30 -27.25
N THR A 249 13.30 13.70 -26.79
CA THR A 249 12.12 13.81 -27.67
C THR A 249 12.25 14.98 -28.65
N LEU A 250 12.67 16.15 -28.15
CA LEU A 250 12.89 17.33 -29.04
C LEU A 250 14.01 17.02 -30.05
N GLY A 251 14.97 16.18 -29.68
CA GLY A 251 15.93 15.70 -30.66
C GLY A 251 15.26 14.81 -31.71
N TYR A 252 14.43 13.84 -31.26
CA TYR A 252 13.73 12.86 -32.14
C TYR A 252 12.79 13.57 -33.13
N LEU A 253 12.10 14.63 -32.69
CA LEU A 253 11.27 15.42 -33.60
C LEU A 253 12.16 16.05 -34.68
N ILE A 254 13.32 16.57 -34.27
CA ILE A 254 14.34 17.19 -35.15
C ILE A 254 14.81 16.17 -36.19
N CYS A 255 14.80 14.88 -35.87
CA CYS A 255 15.23 13.82 -36.81
C CYS A 255 14.04 13.19 -37.55
N GLY A 256 12.79 13.49 -37.20
CA GLY A 256 11.64 12.93 -37.93
C GLY A 256 11.29 11.50 -37.53
N PHE A 257 11.65 11.12 -36.30
CA PHE A 257 11.37 9.76 -35.81
C PHE A 257 9.95 9.65 -35.22
N ARG A 258 9.46 8.43 -35.16
CA ARG A 258 8.16 8.08 -34.58
C ARG A 258 8.33 7.81 -33.09
N VAL A 259 7.83 8.68 -32.23
CA VAL A 259 8.00 8.51 -30.82
C VAL A 259 6.77 7.75 -30.30
N VAL A 260 6.98 6.48 -29.98
CA VAL A 260 5.98 5.63 -29.36
C VAL A 260 6.08 5.97 -27.88
N LEU A 261 4.97 6.07 -27.14
CA LEU A 261 5.04 6.44 -25.70
C LEU A 261 4.00 5.69 -24.87
N MET A 262 4.23 5.70 -23.56
CA MET A 262 3.38 5.06 -22.57
C MET A 262 3.13 6.02 -21.40
N TYR A 263 1.90 6.02 -20.90
CA TYR A 263 1.54 6.83 -19.74
C TYR A 263 2.11 6.15 -18.49
N ARG A 264 2.11 4.80 -18.44
CA ARG A 264 2.71 4.04 -17.32
C ARG A 264 3.35 2.76 -17.87
N PHE A 265 4.34 2.21 -17.16
CA PHE A 265 5.02 0.98 -17.59
C PHE A 265 4.11 -0.23 -17.39
N GLU A 266 4.26 -1.19 -18.30
CA GLU A 266 3.58 -2.49 -18.30
C GLU A 266 4.49 -3.48 -19.04
N GLU A 267 5.14 -4.39 -18.31
CA GLU A 267 6.11 -5.36 -18.89
C GLU A 267 5.45 -6.13 -20.07
N GLU A 268 4.21 -6.55 -19.84
CA GLU A 268 3.41 -7.26 -20.84
C GLU A 268 3.45 -6.53 -22.19
N LEU A 269 3.16 -5.23 -22.18
CA LEU A 269 3.03 -4.43 -23.41
C LEU A 269 4.39 -4.00 -24.01
N PHE A 270 5.26 -3.40 -23.20
CA PHE A 270 6.58 -2.83 -23.62
C PHE A 270 7.29 -3.65 -24.71
N LEU A 271 7.35 -4.96 -24.55
CA LEU A 271 8.02 -5.87 -25.50
C LEU A 271 7.19 -6.02 -26.78
N ARG A 272 5.87 -6.11 -26.63
CA ARG A 272 4.97 -6.20 -27.79
C ARG A 272 5.07 -4.88 -28.57
N SER A 273 5.20 -3.75 -27.85
CA SER A 273 5.45 -2.43 -28.47
C SER A 273 6.78 -2.49 -29.23
N LEU A 274 7.84 -2.95 -28.55
CA LEU A 274 9.19 -3.13 -29.16
C LEU A 274 9.12 -4.00 -30.44
N GLN A 275 8.27 -5.05 -30.42
CA GLN A 275 8.07 -6.01 -31.53
C GLN A 275 7.19 -5.47 -32.66
N ASP A 276 5.93 -5.13 -32.37
CA ASP A 276 4.90 -4.78 -33.38
C ASP A 276 5.23 -3.49 -34.12
N TYR A 277 5.58 -2.42 -33.40
CA TYR A 277 5.93 -1.16 -34.04
C TYR A 277 7.34 -1.22 -34.65
N LYS A 278 8.13 -2.28 -34.38
CA LYS A 278 9.46 -2.52 -34.96
C LYS A 278 10.47 -1.47 -34.48
N ILE A 279 10.52 -1.33 -33.15
CA ILE A 279 11.34 -0.34 -32.42
C ILE A 279 12.84 -0.61 -32.63
N GLN A 280 13.57 0.49 -32.92
CA GLN A 280 15.04 0.53 -33.20
C GLN A 280 15.85 0.92 -31.95
N SER A 281 15.29 1.81 -31.12
CA SER A 281 15.96 2.29 -29.89
C SER A 281 14.92 2.29 -28.78
N ALA A 282 15.25 1.78 -27.61
CA ALA A 282 14.32 1.86 -26.47
C ALA A 282 14.87 2.91 -25.53
N LEU A 283 14.01 3.43 -24.66
CA LEU A 283 14.37 4.51 -23.76
C LEU A 283 13.76 4.19 -22.39
N LEU A 284 14.46 3.35 -21.64
CA LEU A 284 14.09 2.93 -20.28
C LEU A 284 14.86 3.82 -19.31
N VAL A 285 14.39 3.79 -18.06
CA VAL A 285 15.05 4.45 -16.92
C VAL A 285 15.64 3.33 -16.08
N PRO A 286 16.82 3.53 -15.48
CA PRO A 286 17.57 2.53 -14.69
C PRO A 286 16.77 1.56 -13.81
N THR A 287 15.66 2.01 -13.27
CA THR A 287 14.85 1.18 -12.36
C THR A 287 14.00 0.12 -13.07
N LEU A 288 13.70 0.27 -14.36
CA LEU A 288 12.97 -0.75 -15.10
C LEU A 288 13.86 -1.97 -15.42
N PHE A 289 15.19 -1.84 -15.27
CA PHE A 289 16.16 -2.91 -15.59
C PHE A 289 15.95 -4.13 -14.69
N SER A 290 15.63 -3.93 -13.40
CA SER A 290 15.41 -5.06 -12.45
C SER A 290 14.25 -5.99 -12.90
N PHE A 291 13.27 -5.48 -13.65
CA PHE A 291 12.17 -6.31 -14.16
C PHE A 291 12.61 -7.22 -15.31
N PHE A 292 13.66 -6.82 -16.06
CA PHE A 292 14.15 -7.52 -17.27
C PHE A 292 15.37 -8.41 -17.01
N ALA A 293 16.23 -8.11 -16.04
CA ALA A 293 17.34 -9.04 -15.68
C ALA A 293 16.76 -10.39 -15.21
N LYS A 294 15.49 -10.41 -14.76
CA LYS A 294 14.75 -11.62 -14.32
C LYS A 294 14.83 -12.71 -15.40
N SER A 295 14.18 -12.46 -16.53
CA SER A 295 13.98 -13.39 -17.66
C SER A 295 12.56 -13.11 -18.21
N THR A 296 11.61 -14.00 -17.95
CA THR A 296 10.20 -13.92 -18.38
C THR A 296 10.09 -13.95 -19.92
N LEU A 297 9.46 -12.95 -20.53
CA LEU A 297 9.05 -12.99 -21.93
C LEU A 297 10.04 -12.34 -22.92
N ILE A 298 11.22 -11.87 -22.51
CA ILE A 298 12.07 -11.01 -23.42
C ILE A 298 12.42 -11.71 -24.76
N ASP A 299 12.47 -13.04 -24.82
CA ASP A 299 12.70 -13.73 -26.13
C ASP A 299 11.51 -14.64 -26.48
N LYS A 300 10.32 -14.26 -26.01
CA LYS A 300 9.03 -14.81 -26.42
C LYS A 300 8.38 -13.84 -27.41
N TYR A 301 8.98 -12.63 -27.54
CA TYR A 301 8.64 -11.60 -28.53
C TYR A 301 9.90 -11.38 -29.37
N ASP A 302 9.73 -11.16 -30.67
CA ASP A 302 10.84 -10.96 -31.57
C ASP A 302 11.36 -9.53 -31.46
N LEU A 303 12.49 -9.38 -30.79
CA LEU A 303 13.15 -8.08 -30.63
C LEU A 303 14.33 -7.99 -31.62
N SER A 304 14.17 -8.57 -32.82
CA SER A 304 15.17 -8.63 -33.88
C SER A 304 15.55 -7.22 -34.34
N ASN A 305 14.57 -6.31 -34.35
CA ASN A 305 14.78 -4.93 -34.80
C ASN A 305 15.53 -4.11 -33.76
N LEU A 306 15.37 -4.40 -32.45
CA LEU A 306 15.96 -3.58 -31.35
C LEU A 306 17.47 -3.45 -31.48
N HIS A 307 17.90 -2.29 -32.03
CA HIS A 307 19.29 -1.93 -32.26
C HIS A 307 19.95 -1.54 -30.94
N GLU A 308 19.23 -0.99 -29.95
CA GLU A 308 19.84 -0.65 -28.62
C GLU A 308 18.79 -0.22 -27.58
N ILE A 309 19.25 -0.18 -26.33
CA ILE A 309 18.50 0.30 -25.15
C ILE A 309 19.35 1.41 -24.50
N ALA A 310 18.78 2.61 -24.34
CA ALA A 310 19.47 3.78 -23.76
C ALA A 310 18.94 4.02 -22.34
N SER A 311 19.82 4.49 -21.46
CA SER A 311 19.47 4.72 -20.05
C SER A 311 20.21 5.94 -19.50
N GLY A 312 19.65 6.49 -18.43
CA GLY A 312 20.24 7.59 -17.71
C GLY A 312 19.33 8.18 -16.64
N GLY A 313 19.76 9.32 -16.12
CA GLY A 313 19.03 10.05 -15.09
C GLY A 313 19.09 9.39 -13.72
N ALA A 314 19.99 8.41 -13.54
CA ALA A 314 20.15 7.63 -12.30
C ALA A 314 21.24 6.58 -12.51
N PRO A 315 21.88 6.08 -11.42
CA PRO A 315 22.95 5.06 -11.59
C PRO A 315 22.42 3.67 -12.00
N LEU A 316 23.31 2.92 -12.68
CA LEU A 316 23.07 1.55 -13.19
C LEU A 316 24.33 0.71 -12.95
N SER A 317 24.16 -0.38 -12.20
CA SER A 317 25.30 -1.25 -11.84
C SER A 317 25.73 -2.10 -13.04
N LYS A 318 27.03 -2.05 -13.36
CA LYS A 318 27.74 -2.83 -14.43
C LYS A 318 27.11 -4.20 -14.68
N GLU A 319 26.98 -4.98 -13.60
CA GLU A 319 26.52 -6.38 -13.62
C GLU A 319 25.02 -6.48 -13.99
N VAL A 320 24.19 -5.49 -13.66
CA VAL A 320 22.74 -5.51 -14.04
C VAL A 320 22.59 -4.98 -15.48
N GLY A 321 23.31 -3.93 -15.86
CA GLY A 321 23.27 -3.40 -17.22
C GLY A 321 23.62 -4.45 -18.25
N GLU A 322 24.68 -5.21 -17.98
CA GLU A 322 25.10 -6.30 -18.86
C GLU A 322 24.06 -7.42 -18.90
N ALA A 323 23.53 -7.79 -17.72
CA ALA A 323 22.49 -8.86 -17.56
C ALA A 323 21.29 -8.60 -18.46
N VAL A 324 20.97 -7.32 -18.70
CA VAL A 324 19.84 -6.93 -19.54
C VAL A 324 20.26 -6.96 -21.03
N ALA A 325 21.43 -6.40 -21.38
CA ALA A 325 21.91 -6.38 -22.78
C ALA A 325 21.93 -7.79 -23.39
N LYS A 326 22.30 -8.80 -22.59
CA LYS A 326 22.32 -10.24 -23.01
C LYS A 326 20.91 -10.71 -23.36
N ARG A 327 19.97 -10.39 -22.45
CA ARG A 327 18.57 -10.80 -22.57
C ARG A 327 17.88 -10.16 -23.77
N PHE A 328 18.21 -8.89 -24.07
CA PHE A 328 17.66 -8.15 -25.26
C PHE A 328 18.49 -8.42 -26.52
N HIS A 329 19.63 -9.10 -26.38
CA HIS A 329 20.49 -9.55 -27.47
C HIS A 329 21.19 -8.34 -28.09
N LEU A 330 21.84 -7.57 -27.21
CA LEU A 330 22.50 -6.31 -27.53
C LEU A 330 23.95 -6.34 -27.05
N PRO A 331 24.84 -5.50 -27.66
CA PRO A 331 26.26 -5.36 -27.23
C PRO A 331 26.39 -4.66 -25.86
N GLY A 332 25.40 -3.87 -25.47
CA GLY A 332 25.44 -3.23 -24.18
C GLY A 332 24.26 -2.32 -23.95
N ILE A 333 24.43 -1.46 -22.94
CA ILE A 333 23.49 -0.41 -22.56
C ILE A 333 24.16 0.92 -22.88
N ARG A 334 23.51 1.70 -23.75
CA ARG A 334 23.96 3.02 -24.16
C ARG A 334 23.58 3.99 -23.04
N GLN A 335 24.40 3.97 -22.00
CA GLN A 335 24.21 4.82 -20.85
C GLN A 335 24.61 6.28 -21.17
N GLY A 336 24.14 7.12 -20.28
CA GLY A 336 24.44 8.51 -20.29
C GLY A 336 24.33 9.07 -18.89
N TYR A 337 25.05 10.15 -18.64
CA TYR A 337 25.00 10.88 -17.38
C TYR A 337 24.74 12.34 -17.75
N GLY A 338 24.06 12.99 -16.83
CA GLY A 338 23.72 14.38 -16.98
C GLY A 338 23.05 14.94 -15.75
N LEU A 339 23.05 16.27 -15.68
CA LEU A 339 22.33 17.01 -14.65
C LEU A 339 21.33 17.89 -15.40
N THR A 340 20.22 18.28 -14.76
CA THR A 340 19.23 19.19 -15.40
C THR A 340 19.91 20.54 -15.59
N GLU A 341 20.86 20.86 -14.70
CA GLU A 341 21.69 22.07 -14.76
C GLU A 341 22.63 22.05 -15.99
N THR A 342 22.74 20.93 -16.70
CA THR A 342 23.52 20.83 -17.94
C THR A 342 22.59 20.52 -19.13
N THR A 343 21.29 20.82 -18.96
CA THR A 343 20.17 20.59 -19.93
C THR A 343 19.87 19.07 -20.07
N SER A 344 20.80 18.37 -20.71
CA SER A 344 20.70 16.99 -21.11
C SER A 344 22.00 16.28 -20.74
N ALA A 345 22.28 15.11 -21.31
CA ALA A 345 23.49 14.33 -21.00
C ALA A 345 24.71 14.97 -21.67
N ILE A 346 25.75 15.22 -20.88
CA ILE A 346 27.05 15.78 -21.39
C ILE A 346 28.12 14.67 -21.43
N LEU A 347 27.79 13.49 -20.88
CA LEU A 347 28.54 12.24 -21.01
C LEU A 347 27.54 11.21 -21.57
N ILE A 348 27.80 10.76 -22.80
CA ILE A 348 26.96 9.80 -23.52
C ILE A 348 27.85 8.68 -24.06
N THR A 349 27.31 7.46 -24.09
CA THR A 349 28.03 6.29 -24.59
C THR A 349 28.12 6.37 -26.13
N PRO A 350 29.32 6.55 -26.68
CA PRO A 350 29.51 6.60 -28.12
C PRO A 350 29.03 5.32 -28.83
N GLU A 351 28.41 5.46 -30.00
CA GLU A 351 27.90 4.29 -30.76
C GLU A 351 29.04 3.30 -31.02
N GLY A 352 28.82 2.04 -30.68
CA GLY A 352 29.83 0.99 -30.82
C GLY A 352 31.02 1.19 -29.90
N ASP A 353 30.79 1.73 -28.69
CA ASP A 353 31.87 1.97 -27.72
C ASP A 353 31.33 1.85 -26.30
N ASP A 354 30.54 0.79 -26.11
CA ASP A 354 29.92 0.41 -24.84
C ASP A 354 31.01 -0.01 -23.85
N LYS A 355 30.86 0.33 -22.57
CA LYS A 355 31.92 -0.01 -21.57
C LYS A 355 31.29 -0.41 -20.23
N PRO A 356 30.43 -1.42 -20.23
CA PRO A 356 29.79 -1.92 -19.00
C PRO A 356 29.33 -0.89 -17.95
N GLY A 357 30.19 -0.58 -16.98
CA GLY A 357 29.80 0.33 -15.88
C GLY A 357 30.04 1.80 -16.25
N ALA A 358 30.55 2.05 -17.44
CA ALA A 358 30.84 3.45 -17.83
C ALA A 358 29.59 4.11 -18.40
N VAL A 359 29.50 5.40 -18.24
CA VAL A 359 28.38 6.19 -18.72
C VAL A 359 28.67 6.62 -20.17
N GLY A 360 29.92 7.01 -20.46
CA GLY A 360 30.32 7.39 -21.83
C GLY A 360 31.35 8.51 -21.86
N LYS A 361 31.86 8.79 -23.05
CA LYS A 361 32.84 9.85 -23.29
C LYS A 361 32.13 11.20 -23.38
N VAL A 362 32.97 12.23 -23.36
CA VAL A 362 32.54 13.64 -23.38
C VAL A 362 31.93 13.97 -24.74
N VAL A 363 30.72 14.57 -24.69
CA VAL A 363 29.97 14.94 -25.89
C VAL A 363 30.63 16.18 -26.49
N PRO A 364 30.45 16.41 -27.81
CA PRO A 364 31.01 17.62 -28.44
C PRO A 364 30.60 18.93 -27.72
N PHE A 365 31.44 19.96 -27.93
CA PHE A 365 31.33 21.32 -27.30
C PHE A 365 31.58 21.24 -25.79
N PHE A 366 32.09 20.11 -25.25
CA PHE A 366 32.26 19.96 -23.79
C PHE A 366 33.72 19.61 -23.44
N GLU A 367 34.01 19.85 -22.16
CA GLU A 367 35.25 19.55 -21.48
C GLU A 367 34.88 18.97 -20.12
N ALA A 368 35.32 17.76 -19.79
CA ALA A 368 35.06 17.18 -18.48
C ALA A 368 36.40 16.85 -17.81
N LYS A 369 36.44 17.03 -16.49
CA LYS A 369 37.65 16.75 -15.69
C LYS A 369 37.24 16.33 -14.26
N VAL A 370 38.15 15.62 -13.61
CA VAL A 370 38.00 15.21 -12.23
C VAL A 370 39.00 16.07 -11.43
N VAL A 371 38.60 16.51 -10.23
CA VAL A 371 39.45 17.35 -9.37
C VAL A 371 39.65 16.68 -8.02
N ASP A 372 40.76 17.08 -7.37
CA ASP A 372 41.08 16.61 -6.04
C ASP A 372 40.02 17.17 -5.09
N LEU A 373 39.14 16.30 -4.58
CA LEU A 373 38.06 16.70 -3.68
C LEU A 373 38.49 17.85 -2.74
N ASP A 374 39.71 17.84 -2.16
CA ASP A 374 40.16 18.88 -1.19
C ASP A 374 40.95 20.02 -1.85
N THR A 375 42.04 19.75 -2.55
CA THR A 375 42.85 20.85 -3.13
C THR A 375 42.20 21.48 -4.37
N GLY A 376 41.40 20.75 -5.15
CA GLY A 376 40.75 21.33 -6.34
C GLY A 376 41.60 21.32 -7.61
N LYS A 377 42.73 20.61 -7.62
CA LYS A 377 43.56 20.56 -8.83
C LYS A 377 43.10 19.37 -9.68
N THR A 378 43.24 19.52 -10.99
CA THR A 378 42.84 18.53 -11.99
C THR A 378 43.68 17.26 -11.90
N LEU A 379 43.00 16.12 -11.69
CA LEU A 379 43.65 14.80 -11.60
C LEU A 379 43.77 14.19 -13.00
N GLY A 380 44.68 13.23 -13.13
CA GLY A 380 44.95 12.47 -14.37
C GLY A 380 44.20 11.13 -14.39
N VAL A 381 44.68 10.24 -15.26
CA VAL A 381 44.03 8.94 -15.56
C VAL A 381 43.73 8.10 -14.31
N ASN A 382 42.56 7.47 -14.32
CA ASN A 382 42.05 6.51 -13.33
C ASN A 382 42.00 7.10 -11.90
N GLN A 383 42.01 8.42 -11.75
CA GLN A 383 42.04 9.02 -10.41
C GLN A 383 40.64 9.50 -10.02
N ARG A 384 40.17 8.98 -8.87
CA ARG A 384 38.85 9.27 -8.32
C ARG A 384 38.84 10.70 -7.75
N GLY A 385 37.72 11.42 -7.87
CA GLY A 385 37.57 12.83 -7.35
C GLY A 385 36.24 13.46 -7.79
N GLU A 386 36.02 14.76 -7.54
CA GLU A 386 34.73 15.41 -7.95
C GLU A 386 34.77 15.73 -9.45
N LEU A 387 33.70 15.37 -10.16
CA LEU A 387 33.61 15.60 -11.62
C LEU A 387 33.16 17.04 -11.90
N CYS A 388 33.93 17.75 -12.74
CA CYS A 388 33.61 19.13 -13.21
C CYS A 388 33.48 19.12 -14.73
N VAL A 389 32.45 19.82 -15.22
CA VAL A 389 32.05 19.84 -16.65
C VAL A 389 31.86 21.30 -17.11
N ARG A 390 32.24 21.65 -18.35
CA ARG A 390 31.86 22.97 -18.88
C ARG A 390 31.69 22.88 -20.41
N GLY A 391 30.70 23.63 -20.86
CA GLY A 391 30.26 23.68 -22.24
C GLY A 391 29.01 24.54 -22.37
N PRO A 392 28.47 24.67 -23.58
CA PRO A 392 27.31 25.54 -23.81
C PRO A 392 25.92 25.02 -23.40
N MET A 393 25.80 23.78 -22.92
CA MET A 393 24.49 23.27 -22.46
C MET A 393 24.30 23.56 -20.96
N ILE A 394 25.25 24.22 -20.28
CA ILE A 394 25.11 24.51 -18.85
C ILE A 394 24.02 25.56 -18.69
N MET A 395 23.33 25.53 -17.56
CA MET A 395 22.27 26.50 -17.27
C MET A 395 22.84 27.93 -17.25
N SER A 396 21.93 28.89 -17.37
CA SER A 396 22.23 30.31 -17.23
C SER A 396 22.32 30.63 -15.74
N GLY A 397 21.49 29.97 -14.95
CA GLY A 397 21.45 30.12 -13.51
C GLY A 397 20.21 29.51 -12.88
N TYR A 398 20.09 29.73 -11.56
CA TYR A 398 18.94 29.31 -10.76
C TYR A 398 18.02 30.53 -10.59
N VAL A 399 16.73 30.39 -10.93
CA VAL A 399 15.70 31.50 -10.88
C VAL A 399 15.69 32.17 -9.51
N ASN A 400 16.09 33.46 -9.42
CA ASN A 400 16.14 34.24 -8.16
C ASN A 400 16.97 33.54 -7.07
N ASN A 401 18.06 32.88 -7.46
CA ASN A 401 18.86 32.11 -6.52
C ASN A 401 20.32 32.17 -6.98
N PRO A 402 20.94 33.39 -7.07
CA PRO A 402 22.39 33.58 -7.46
C PRO A 402 23.39 32.92 -6.50
N GLU A 403 23.00 32.77 -5.23
CA GLU A 403 23.85 32.13 -4.22
C GLU A 403 24.13 30.67 -4.60
N ALA A 404 23.07 29.87 -4.80
CA ALA A 404 23.20 28.45 -5.16
C ALA A 404 23.90 28.30 -6.52
N THR A 405 23.75 29.30 -7.40
CA THR A 405 24.39 29.31 -8.71
C THR A 405 25.89 29.46 -8.54
N ASN A 406 26.33 30.37 -7.65
CA ASN A 406 27.77 30.61 -7.42
C ASN A 406 28.41 29.46 -6.62
N ALA A 407 27.60 28.64 -5.92
CA ALA A 407 28.07 27.48 -5.14
C ALA A 407 28.23 26.24 -6.04
N LEU A 408 27.49 26.17 -7.16
CA LEU A 408 27.54 25.02 -8.11
C LEU A 408 28.51 25.28 -9.27
N ILE A 409 28.40 26.45 -9.90
CA ILE A 409 29.23 26.87 -11.04
C ILE A 409 30.30 27.82 -10.51
N ASP A 410 31.56 27.45 -10.66
CA ASP A 410 32.70 28.23 -10.15
C ASP A 410 33.10 29.34 -11.14
N LYS A 411 34.15 30.09 -10.77
CA LYS A 411 34.58 31.33 -11.43
C LYS A 411 35.05 31.15 -12.88
N ASP A 412 35.51 29.98 -13.30
CA ASP A 412 35.95 29.77 -14.71
C ASP A 412 34.82 29.14 -15.55
N GLY A 413 33.64 28.96 -14.96
CA GLY A 413 32.52 28.36 -15.66
C GLY A 413 32.43 26.87 -15.44
N TRP A 414 33.25 26.29 -14.53
CA TRP A 414 33.16 24.84 -14.28
C TRP A 414 31.99 24.54 -13.32
N LEU A 415 31.03 23.71 -13.77
CA LEU A 415 29.94 23.21 -12.93
C LEU A 415 30.48 22.08 -12.06
N HIS A 416 30.18 22.06 -10.77
CA HIS A 416 30.58 21.00 -9.83
C HIS A 416 29.47 19.95 -9.68
N SER A 417 29.65 18.78 -10.27
CA SER A 417 28.64 17.71 -10.30
C SER A 417 28.09 17.33 -8.92
N GLY A 418 29.02 17.13 -7.98
CA GLY A 418 28.75 16.59 -6.64
C GLY A 418 28.78 15.06 -6.67
N ASP A 419 29.63 14.54 -7.58
CA ASP A 419 29.76 13.10 -7.86
C ASP A 419 31.25 12.69 -7.86
N ILE A 420 31.54 11.49 -7.34
CA ILE A 420 32.88 10.94 -7.41
C ILE A 420 32.99 10.24 -8.76
N ALA A 421 33.95 10.62 -9.60
CA ALA A 421 34.14 9.95 -10.89
C ALA A 421 35.64 9.80 -11.14
N TYR A 422 35.97 9.10 -12.23
CA TYR A 422 37.35 8.88 -12.72
C TYR A 422 37.25 8.62 -14.22
N TRP A 423 38.32 8.88 -14.96
CA TRP A 423 38.30 8.62 -16.40
C TRP A 423 39.39 7.59 -16.71
N ASP A 424 39.03 6.55 -17.49
CA ASP A 424 39.93 5.41 -17.77
C ASP A 424 40.83 5.73 -18.97
N GLU A 425 41.71 4.77 -19.28
CA GLU A 425 42.79 4.87 -20.29
C GLU A 425 42.27 5.32 -21.67
N ASP A 426 41.07 4.84 -22.09
CA ASP A 426 40.43 5.24 -23.40
C ASP A 426 39.32 6.28 -23.17
N GLU A 427 39.42 7.04 -22.08
CA GLU A 427 38.55 8.18 -21.72
C GLU A 427 37.08 7.81 -21.50
N HIS A 428 36.75 6.56 -21.15
CA HIS A 428 35.39 6.24 -20.70
C HIS A 428 35.28 6.80 -19.27
N PHE A 429 34.20 7.55 -18.94
CA PHE A 429 34.02 8.13 -17.57
C PHE A 429 33.20 7.15 -16.73
N PHE A 430 33.58 6.99 -15.47
CA PHE A 430 32.94 6.10 -14.53
C PHE A 430 32.47 6.86 -13.29
N ILE A 431 31.15 6.91 -13.08
CA ILE A 431 30.59 7.53 -11.89
C ILE A 431 30.68 6.50 -10.77
N VAL A 432 31.15 6.91 -9.61
CA VAL A 432 31.27 6.05 -8.45
C VAL A 432 29.98 6.21 -7.65
N ASP A 433 29.81 7.40 -7.09
CA ASP A 433 28.65 7.70 -6.27
C ASP A 433 28.50 9.21 -6.09
N ARG A 434 27.26 9.61 -5.82
CA ARG A 434 26.91 10.97 -5.52
C ARG A 434 27.51 11.26 -4.15
N LEU A 435 28.11 12.44 -4.01
CA LEU A 435 28.90 12.79 -2.82
C LEU A 435 28.01 12.85 -1.55
N LYS A 436 26.75 13.23 -1.67
CA LYS A 436 25.86 13.37 -0.50
C LYS A 436 25.15 12.03 -0.20
N SER A 437 25.14 11.10 -1.16
CA SER A 437 24.54 9.78 -0.93
C SER A 437 25.39 8.99 0.06
N LEU A 438 26.68 9.29 0.18
CA LEU A 438 27.66 8.55 1.01
C LEU A 438 27.18 8.44 2.47
N ILE A 439 27.32 7.22 3.00
CA ILE A 439 26.96 6.84 4.37
C ILE A 439 28.22 7.07 5.23
N LYS A 440 28.07 7.74 6.37
CA LYS A 440 29.20 8.05 7.28
C LYS A 440 29.26 7.02 8.44
N TYR A 441 30.17 6.03 8.38
CA TYR A 441 30.30 5.00 9.45
C TYR A 441 31.17 5.55 10.61
N LYS A 442 32.36 5.03 10.89
CA LYS A 442 33.16 5.53 12.02
C LYS A 442 34.25 6.41 11.42
N GLY A 443 33.82 7.47 10.75
CA GLY A 443 34.72 8.33 10.03
C GLY A 443 35.10 7.73 8.69
N TYR A 444 34.24 6.88 8.13
CA TYR A 444 34.48 6.26 6.82
C TYR A 444 33.47 6.84 5.83
N GLN A 445 33.77 6.68 4.55
CA GLN A 445 32.91 7.10 3.45
C GLN A 445 32.55 5.81 2.72
N VAL A 446 31.28 5.41 2.90
CA VAL A 446 30.68 4.18 2.37
C VAL A 446 29.73 4.55 1.22
N ALA A 447 30.05 4.13 -0.01
CA ALA A 447 29.25 4.42 -1.21
C ALA A 447 28.06 3.44 -1.32
N PRO A 448 26.79 3.95 -1.40
CA PRO A 448 25.65 3.02 -1.59
C PRO A 448 25.64 2.29 -2.95
N ALA A 449 26.23 2.87 -4.01
CA ALA A 449 26.30 2.28 -5.36
C ALA A 449 27.05 0.94 -5.36
N GLU A 450 28.08 0.82 -4.53
CA GLU A 450 28.90 -0.42 -4.42
C GLU A 450 28.07 -1.56 -3.78
N LEU A 451 27.51 -1.27 -2.61
CA LEU A 451 26.68 -2.22 -1.84
C LEU A 451 25.45 -2.62 -2.66
N GLU A 452 24.90 -1.68 -3.43
CA GLU A 452 23.78 -1.96 -4.32
C GLU A 452 24.26 -2.91 -5.42
N SER A 453 25.32 -2.52 -6.12
CA SER A 453 25.94 -3.30 -7.23
C SER A 453 26.17 -4.76 -6.82
N ILE A 454 26.71 -4.97 -5.60
CA ILE A 454 27.02 -6.30 -5.02
C ILE A 454 25.72 -7.04 -4.67
N LEU A 455 24.81 -6.38 -3.95
CA LEU A 455 23.52 -7.03 -3.61
C LEU A 455 22.82 -7.48 -4.90
N LEU A 456 22.77 -6.61 -5.89
CA LEU A 456 22.14 -6.91 -7.21
C LEU A 456 22.82 -8.09 -7.95
N GLN A 457 24.08 -8.44 -7.66
CA GLN A 457 24.73 -9.62 -8.31
C GLN A 457 24.14 -10.94 -7.81
N HIS A 458 23.58 -10.96 -6.60
CA HIS A 458 23.04 -12.19 -6.04
C HIS A 458 21.80 -12.64 -6.86
N PRO A 459 21.72 -13.93 -7.25
CA PRO A 459 20.60 -14.47 -8.07
C PRO A 459 19.21 -14.46 -7.42
N ASN A 460 19.17 -14.59 -6.10
CA ASN A 460 17.92 -14.55 -5.33
C ASN A 460 17.40 -13.09 -5.18
N ILE A 461 18.32 -12.09 -5.25
CA ILE A 461 17.97 -10.66 -5.13
C ILE A 461 17.48 -10.12 -6.50
N PHE A 462 16.28 -9.56 -6.46
CA PHE A 462 15.56 -8.92 -7.59
C PHE A 462 15.97 -7.44 -7.70
N ASP A 463 15.91 -6.72 -6.56
CA ASP A 463 16.25 -5.28 -6.50
C ASP A 463 16.55 -4.89 -5.06
N ALA A 464 17.35 -3.84 -4.88
CA ALA A 464 17.70 -3.35 -3.54
C ALA A 464 18.25 -1.91 -3.60
N GLY A 465 18.11 -1.25 -2.44
CA GLY A 465 18.54 0.12 -2.19
C GLY A 465 19.22 0.21 -0.83
N VAL A 466 20.40 0.87 -0.81
CA VAL A 466 21.28 1.02 0.37
C VAL A 466 21.13 2.43 0.94
N ALA A 467 21.23 2.55 2.27
CA ALA A 467 21.07 3.83 2.94
C ALA A 467 21.78 3.77 4.30
N GLY A 468 21.75 4.88 5.05
CA GLY A 468 22.48 5.01 6.33
C GLY A 468 21.57 5.05 7.55
N LEU A 469 21.31 3.88 8.15
CA LEU A 469 20.56 3.77 9.39
C LEU A 469 21.36 4.51 10.47
N PRO A 470 20.78 5.53 11.15
CA PRO A 470 21.51 6.28 12.18
C PRO A 470 21.66 5.40 13.44
N ASP A 471 22.81 5.48 14.10
CA ASP A 471 23.11 4.56 15.18
C ASP A 471 23.21 5.25 16.55
N ASP A 472 24.23 6.10 16.72
CA ASP A 472 24.64 6.78 17.98
C ASP A 472 26.15 6.62 18.10
N ASP A 473 26.61 5.40 18.40
CA ASP A 473 28.05 5.12 18.49
C ASP A 473 28.65 5.21 17.08
N ALA A 474 28.09 4.42 16.17
CA ALA A 474 28.54 4.37 14.78
C ALA A 474 28.12 5.62 14.00
N GLY A 475 27.12 6.37 14.46
CA GLY A 475 26.63 7.56 13.76
C GLY A 475 25.75 7.21 12.57
N GLU A 476 26.21 6.30 11.70
CA GLU A 476 25.43 5.79 10.54
C GLU A 476 25.94 4.40 10.10
N LEU A 477 25.07 3.38 10.11
CA LEU A 477 25.40 2.02 9.67
C LEU A 477 24.82 1.81 8.27
N PRO A 478 25.61 1.30 7.30
CA PRO A 478 25.00 1.02 6.01
C PRO A 478 24.00 -0.17 6.18
N ALA A 479 22.81 -0.02 5.62
CA ALA A 479 21.73 -1.01 5.66
C ALA A 479 21.01 -0.99 4.30
N ALA A 480 20.26 -2.05 3.96
CA ALA A 480 19.64 -2.11 2.62
C ALA A 480 18.21 -2.64 2.68
N VAL A 481 17.32 -1.98 1.92
CA VAL A 481 15.95 -2.47 1.69
C VAL A 481 16.09 -3.39 0.48
N VAL A 482 15.50 -4.59 0.54
CA VAL A 482 15.72 -5.61 -0.51
C VAL A 482 14.39 -6.21 -1.00
N VAL A 483 14.45 -6.72 -2.22
CA VAL A 483 13.37 -7.42 -2.92
C VAL A 483 13.96 -8.73 -3.47
N LEU A 484 13.12 -9.78 -3.51
CA LEU A 484 13.49 -11.12 -4.01
C LEU A 484 12.59 -11.47 -5.20
N GLU A 485 12.91 -12.55 -5.91
CA GLU A 485 12.01 -13.04 -6.99
C GLU A 485 10.83 -13.76 -6.31
N HIS A 486 9.76 -14.04 -7.07
CA HIS A 486 8.67 -14.84 -6.51
C HIS A 486 9.23 -16.21 -6.13
N GLY A 487 8.89 -16.68 -4.94
CA GLY A 487 9.32 -17.99 -4.46
C GLY A 487 10.82 -18.06 -4.23
N LYS A 488 11.33 -17.13 -3.43
CA LYS A 488 12.74 -17.09 -3.02
C LYS A 488 12.81 -16.69 -1.53
N THR A 489 13.88 -17.11 -0.87
CA THR A 489 14.13 -16.78 0.53
C THR A 489 15.63 -16.72 0.78
N MET A 490 16.00 -15.77 1.65
CA MET A 490 17.33 -15.61 2.19
C MET A 490 17.20 -14.96 3.57
N THR A 491 17.86 -15.52 4.57
CA THR A 491 17.84 -14.89 5.88
C THR A 491 18.75 -13.67 5.80
N GLU A 492 18.42 -12.65 6.60
CA GLU A 492 19.17 -11.39 6.70
C GLU A 492 20.68 -11.70 6.83
N LYS A 493 21.00 -12.58 7.78
CA LYS A 493 22.37 -12.99 8.09
C LYS A 493 23.06 -13.64 6.87
N GLU A 494 22.33 -14.32 5.97
CA GLU A 494 22.91 -14.88 4.74
C GLU A 494 23.36 -13.71 3.86
N ILE A 495 22.46 -12.74 3.69
CA ILE A 495 22.71 -11.55 2.83
C ILE A 495 23.89 -10.75 3.41
N VAL A 496 23.84 -10.47 4.71
CA VAL A 496 24.89 -9.72 5.42
C VAL A 496 26.24 -10.41 5.20
N ASP A 497 26.33 -11.70 5.57
CA ASP A 497 27.57 -12.51 5.47
C ASP A 497 28.09 -12.57 4.02
N TYR A 498 27.17 -12.57 3.05
CA TYR A 498 27.55 -12.54 1.63
C TYR A 498 28.21 -11.19 1.29
N VAL A 499 27.62 -10.08 1.77
CA VAL A 499 28.19 -8.73 1.56
C VAL A 499 29.57 -8.67 2.24
N ALA A 500 29.61 -9.13 3.49
CA ALA A 500 30.82 -9.18 4.30
C ALA A 500 31.93 -9.96 3.60
N SER A 501 31.60 -11.05 2.90
CA SER A 501 32.61 -11.87 2.20
C SER A 501 33.18 -11.15 0.96
N GLN A 502 32.49 -10.15 0.39
CA GLN A 502 32.97 -9.39 -0.80
C GLN A 502 33.58 -8.03 -0.45
N VAL A 503 33.40 -7.52 0.78
CA VAL A 503 33.93 -6.18 1.16
C VAL A 503 34.76 -6.26 2.46
N THR A 504 35.50 -5.18 2.71
CA THR A 504 36.36 -5.03 3.91
C THR A 504 35.47 -4.80 5.14
N THR A 505 36.01 -4.72 6.36
CA THR A 505 35.15 -4.48 7.57
C THR A 505 34.53 -3.07 7.54
N ALA A 506 35.23 -2.14 6.86
CA ALA A 506 34.88 -0.71 6.73
C ALA A 506 33.46 -0.51 6.18
N LYS A 507 33.04 -1.31 5.21
CA LYS A 507 31.73 -1.14 4.55
C LYS A 507 30.91 -2.45 4.57
N LYS A 508 30.90 -3.12 5.72
CA LYS A 508 30.04 -4.29 5.96
C LYS A 508 28.61 -3.76 6.09
N LEU A 509 27.60 -4.65 6.01
CA LEU A 509 26.18 -4.24 6.06
C LEU A 509 25.67 -4.39 7.49
N ARG A 510 26.27 -3.61 8.38
CA ARG A 510 26.05 -3.68 9.85
C ARG A 510 24.67 -3.16 10.28
N GLY A 511 24.00 -2.39 9.43
CA GLY A 511 22.66 -1.91 9.70
C GLY A 511 21.62 -2.97 9.42
N GLY A 512 21.96 -4.00 8.65
CA GLY A 512 21.06 -5.10 8.38
C GLY A 512 20.28 -4.92 7.09
N VAL A 513 19.26 -5.77 6.95
CA VAL A 513 18.40 -5.86 5.77
C VAL A 513 16.94 -5.76 6.19
N VAL A 514 16.13 -5.11 5.35
CA VAL A 514 14.68 -4.99 5.51
C VAL A 514 14.08 -5.40 4.16
N PHE A 515 13.05 -6.24 4.22
CA PHE A 515 12.43 -6.86 3.05
C PHE A 515 11.17 -6.06 2.67
N VAL A 516 11.15 -5.58 1.44
CA VAL A 516 10.05 -4.75 0.89
C VAL A 516 9.55 -5.40 -0.40
N ASP A 517 8.37 -4.97 -0.89
CA ASP A 517 7.75 -5.45 -2.17
C ASP A 517 8.31 -4.63 -3.35
N GLU A 518 8.55 -3.33 -3.15
CA GLU A 518 9.19 -2.48 -4.15
C GLU A 518 10.11 -1.48 -3.43
N VAL A 519 11.25 -1.21 -4.06
CA VAL A 519 12.24 -0.24 -3.55
C VAL A 519 11.70 1.15 -3.88
N PRO A 520 11.76 2.08 -2.91
CA PRO A 520 11.36 3.47 -3.13
C PRO A 520 12.11 4.09 -4.34
N LYS A 521 11.32 4.27 -5.38
CA LYS A 521 11.75 4.77 -6.63
C LYS A 521 11.24 6.22 -6.77
N GLY A 522 12.09 7.14 -7.21
CA GLY A 522 11.74 8.56 -7.42
C GLY A 522 11.02 8.85 -8.73
N LEU A 523 10.68 7.82 -9.51
CA LEU A 523 9.92 7.92 -10.79
C LEU A 523 10.60 8.83 -11.84
N THR A 524 11.82 9.20 -11.61
CA THR A 524 12.62 9.83 -12.70
C THR A 524 13.79 8.89 -13.02
N GLY A 525 13.62 7.61 -12.69
CA GLY A 525 14.62 6.55 -12.70
C GLY A 525 15.09 6.39 -11.28
N LYS A 526 15.57 7.48 -10.71
CA LYS A 526 16.19 7.64 -9.36
C LYS A 526 15.56 6.86 -8.20
N LEU A 527 16.44 6.52 -7.28
CA LEU A 527 16.18 5.84 -6.00
C LEU A 527 15.90 6.93 -4.97
N ASP A 528 14.86 6.77 -4.17
CA ASP A 528 14.34 7.76 -3.18
C ASP A 528 14.93 7.46 -1.81
N ALA A 529 15.72 8.38 -1.26
CA ALA A 529 16.45 8.20 0.04
C ALA A 529 15.56 8.40 1.28
N ARG A 530 14.76 9.44 1.26
CA ARG A 530 13.87 9.81 2.38
C ARG A 530 12.98 8.65 2.72
N LYS A 531 12.31 8.08 1.73
CA LYS A 531 11.36 6.96 1.91
C LYS A 531 12.09 5.68 2.34
N ILE A 532 13.34 5.44 1.92
CA ILE A 532 14.09 4.29 2.42
C ILE A 532 14.48 4.58 3.88
N ARG A 533 15.15 5.71 4.09
CA ARG A 533 15.54 6.12 5.43
C ARG A 533 14.34 5.93 6.38
N GLU A 534 13.12 6.30 5.98
CA GLU A 534 11.90 6.14 6.85
C GLU A 534 11.58 4.64 7.09
N ILE A 535 11.67 3.81 6.02
CA ILE A 535 11.43 2.33 6.10
C ILE A 535 12.39 1.70 7.12
N LEU A 536 13.68 1.97 6.93
CA LEU A 536 14.77 1.41 7.77
C LEU A 536 14.63 1.91 9.21
N ILE A 537 14.35 3.20 9.39
CA ILE A 537 14.22 3.81 10.72
C ILE A 537 12.98 3.24 11.41
N LYS A 538 11.84 3.04 10.73
CA LYS A 538 10.65 2.42 11.41
C LYS A 538 10.91 0.93 11.76
N ALA A 539 11.81 0.26 11.06
CA ALA A 539 12.14 -1.14 11.33
C ALA A 539 13.14 -1.28 12.49
N LYS A 540 13.74 -0.18 13.01
CA LYS A 540 14.74 -0.17 14.16
C LYS A 540 15.21 1.26 14.48
N ALA B 1 15.02 -5.44 18.04
CA ALA B 1 14.86 -4.93 16.65
C ALA B 1 14.53 -6.09 15.72
N LYS B 2 15.45 -7.02 15.60
CA LYS B 2 15.32 -8.20 14.72
C LYS B 2 14.29 -9.17 15.35
N ASN B 3 13.94 -8.96 16.61
CA ASN B 3 12.92 -9.70 17.35
C ASN B 3 11.52 -9.09 17.15
N ILE B 4 11.38 -8.06 16.31
CA ILE B 4 10.09 -7.47 15.94
C ILE B 4 9.61 -8.25 14.71
N LYS B 5 8.68 -9.18 14.90
CA LYS B 5 8.11 -9.94 13.79
C LYS B 5 7.12 -9.02 13.05
N LYS B 6 7.37 -8.81 11.75
CA LYS B 6 6.56 -7.92 10.92
C LYS B 6 5.94 -8.73 9.79
N GLY B 7 4.66 -8.49 9.52
CA GLY B 7 3.93 -9.18 8.46
C GLY B 7 4.52 -8.94 7.07
N PRO B 8 4.07 -9.72 6.08
CA PRO B 8 4.61 -9.57 4.73
C PRO B 8 3.99 -8.38 4.00
N ALA B 9 4.29 -8.29 2.69
CA ALA B 9 3.63 -7.33 1.83
C ALA B 9 2.21 -7.86 1.60
N PRO B 10 1.22 -6.99 1.36
CA PRO B 10 -0.15 -7.47 1.11
C PRO B 10 -0.42 -7.80 -0.37
N PHE B 11 -0.93 -9.00 -0.67
CA PHE B 11 -1.29 -9.37 -2.08
C PHE B 11 -2.20 -8.31 -2.70
N TYR B 12 -3.18 -7.90 -1.90
CA TYR B 12 -4.16 -6.91 -2.27
C TYR B 12 -3.85 -5.62 -1.49
N PRO B 13 -3.13 -4.63 -2.10
CA PRO B 13 -2.79 -3.38 -1.37
C PRO B 13 -4.04 -2.63 -0.91
N LEU B 14 -3.89 -1.87 0.18
CA LEU B 14 -4.98 -1.12 0.83
C LEU B 14 -5.58 -0.11 -0.16
N GLU B 15 -6.87 -0.26 -0.43
CA GLU B 15 -7.59 0.55 -1.42
C GLU B 15 -7.95 1.92 -0.81
N ASP B 16 -8.26 2.89 -1.67
CA ASP B 16 -8.64 4.25 -1.21
C ASP B 16 -10.09 4.25 -0.70
N GLY B 17 -10.47 5.35 -0.08
CA GLY B 17 -11.84 5.54 0.40
C GLY B 17 -12.13 4.91 1.74
N THR B 18 -13.37 5.11 2.16
CA THR B 18 -13.90 4.67 3.44
C THR B 18 -14.32 3.19 3.36
N ALA B 19 -14.70 2.65 4.51
CA ALA B 19 -15.17 1.25 4.62
C ALA B 19 -16.49 1.11 3.86
N GLY B 20 -17.36 2.10 4.03
CA GLY B 20 -18.64 2.17 3.34
C GLY B 20 -18.51 2.34 1.83
N GLU B 21 -17.47 3.04 1.36
CA GLU B 21 -17.23 3.22 -0.08
C GLU B 21 -16.79 1.88 -0.68
N GLN B 22 -15.76 1.29 -0.08
CA GLN B 22 -15.23 0.00 -0.53
C GLN B 22 -16.32 -1.09 -0.43
N LEU B 23 -17.15 -1.12 0.64
CA LEU B 23 -18.29 -2.12 0.79
C LEU B 23 -19.33 -1.93 -0.34
N HIS B 24 -19.59 -0.67 -0.73
CA HIS B 24 -20.57 -0.32 -1.79
C HIS B 24 -20.08 -0.88 -3.13
N LYS B 25 -18.89 -0.40 -3.54
CA LYS B 25 -18.29 -0.76 -4.82
C LYS B 25 -18.48 -2.25 -5.08
N ALA B 26 -18.20 -3.05 -4.06
CA ALA B 26 -18.25 -4.50 -4.14
C ALA B 26 -19.69 -5.02 -4.24
N MET B 27 -20.57 -4.67 -3.32
CA MET B 27 -21.95 -5.23 -3.34
C MET B 27 -22.75 -4.78 -4.58
N LYS B 28 -22.29 -3.72 -5.27
CA LYS B 28 -22.86 -3.33 -6.56
C LYS B 28 -22.26 -4.24 -7.64
N ARG B 29 -20.97 -4.60 -7.49
CA ARG B 29 -20.22 -5.51 -8.40
C ARG B 29 -21.01 -6.82 -8.51
N TYR B 30 -21.27 -7.44 -7.35
CA TYR B 30 -21.96 -8.76 -7.22
C TYR B 30 -23.49 -8.64 -7.39
N ALA B 31 -24.10 -7.46 -7.22
CA ALA B 31 -25.56 -7.25 -7.44
C ALA B 31 -25.90 -7.36 -8.94
N LEU B 32 -25.08 -6.75 -9.80
CA LEU B 32 -25.28 -6.77 -11.29
C LEU B 32 -25.07 -8.20 -11.86
N VAL B 33 -24.41 -9.09 -11.11
CA VAL B 33 -24.33 -10.53 -11.44
C VAL B 33 -25.60 -11.16 -10.86
N PRO B 34 -26.56 -11.58 -11.70
CA PRO B 34 -27.85 -12.14 -11.20
C PRO B 34 -27.78 -13.47 -10.44
N GLY B 35 -28.47 -13.56 -9.30
CA GLY B 35 -28.58 -14.80 -8.50
C GLY B 35 -27.53 -15.01 -7.42
N THR B 36 -26.53 -14.14 -7.32
CA THR B 36 -25.45 -14.30 -6.31
C THR B 36 -26.05 -14.16 -4.90
N ILE B 37 -25.90 -15.19 -4.04
CA ILE B 37 -26.48 -15.21 -2.68
C ILE B 37 -25.46 -14.61 -1.70
N ALA B 38 -25.93 -13.68 -0.87
CA ALA B 38 -25.12 -12.98 0.13
C ALA B 38 -25.27 -13.67 1.50
N PHE B 39 -26.51 -13.85 1.96
CA PHE B 39 -26.80 -14.52 3.24
C PHE B 39 -27.85 -15.62 3.02
N THR B 40 -27.78 -16.64 3.87
CA THR B 40 -28.68 -17.80 3.86
C THR B 40 -28.96 -18.23 5.30
N ASP B 41 -30.24 -18.40 5.60
CA ASP B 41 -30.70 -18.90 6.90
C ASP B 41 -30.85 -20.41 6.72
N ALA B 42 -30.03 -21.19 7.41
CA ALA B 42 -30.05 -22.66 7.31
C ALA B 42 -31.24 -23.25 8.09
N HIS B 43 -31.64 -22.57 9.16
CA HIS B 43 -32.71 -23.00 10.05
C HIS B 43 -34.06 -22.95 9.31
N ILE B 44 -34.32 -21.86 8.59
CA ILE B 44 -35.60 -21.67 7.84
C ILE B 44 -35.38 -21.82 6.32
N GLU B 45 -34.17 -22.20 5.88
CA GLU B 45 -33.84 -22.49 4.47
C GLU B 45 -34.28 -21.37 3.52
N VAL B 46 -33.92 -20.14 3.86
CA VAL B 46 -34.24 -18.93 3.07
C VAL B 46 -32.91 -18.25 2.71
N ASN B 47 -32.84 -17.72 1.49
CA ASN B 47 -31.68 -17.03 0.92
C ASN B 47 -32.02 -15.56 0.72
N ILE B 48 -30.98 -14.74 0.46
CA ILE B 48 -31.08 -13.28 0.08
C ILE B 48 -29.90 -12.99 -0.85
N THR B 49 -30.21 -12.43 -2.02
CA THR B 49 -29.23 -12.11 -3.06
C THR B 49 -28.47 -10.82 -2.77
N TYR B 50 -27.36 -10.60 -3.48
CA TYR B 50 -26.55 -9.37 -3.34
C TYR B 50 -27.38 -8.19 -3.86
N ALA B 51 -28.16 -8.41 -4.93
CA ALA B 51 -29.06 -7.38 -5.51
C ALA B 51 -30.08 -6.93 -4.47
N GLU B 52 -30.74 -7.90 -3.83
CA GLU B 52 -31.73 -7.62 -2.80
C GLU B 52 -31.07 -6.97 -1.57
N TYR B 53 -29.86 -7.40 -1.20
CA TYR B 53 -29.17 -6.87 0.00
C TYR B 53 -28.58 -5.47 -0.31
N PHE B 54 -27.81 -5.32 -1.39
CA PHE B 54 -27.25 -4.01 -1.83
C PHE B 54 -28.35 -2.95 -1.89
N GLU B 55 -29.44 -3.27 -2.58
CA GLU B 55 -30.62 -2.38 -2.69
C GLU B 55 -31.14 -2.02 -1.28
N MET B 56 -31.60 -3.02 -0.52
CA MET B 56 -32.21 -2.82 0.79
C MET B 56 -31.28 -2.08 1.77
N SER B 57 -29.95 -2.13 1.58
CA SER B 57 -28.97 -1.38 2.43
C SER B 57 -28.85 0.08 1.97
N VAL B 58 -28.79 0.29 0.65
CA VAL B 58 -28.71 1.62 -0.02
C VAL B 58 -29.94 2.44 0.36
N ARG B 59 -31.09 1.81 0.21
CA ARG B 59 -32.38 2.37 0.60
C ARG B 59 -32.33 2.79 2.07
N LEU B 60 -31.91 1.88 2.93
CA LEU B 60 -31.87 2.11 4.39
C LEU B 60 -30.77 3.13 4.77
N ALA B 61 -29.74 3.31 3.94
CA ALA B 61 -28.68 4.34 4.13
C ALA B 61 -29.28 5.72 3.85
N GLU B 62 -29.85 5.87 2.66
CA GLU B 62 -30.48 7.13 2.19
C GLU B 62 -31.67 7.49 3.08
N ALA B 63 -32.47 6.50 3.50
CA ALA B 63 -33.59 6.68 4.45
C ALA B 63 -33.04 7.31 5.73
N MET B 64 -31.96 6.74 6.26
CA MET B 64 -31.30 7.31 7.42
C MET B 64 -30.77 8.72 7.09
N LYS B 65 -30.13 8.95 5.95
CA LYS B 65 -29.58 10.30 5.62
C LYS B 65 -30.68 11.37 5.60
N ARG B 66 -31.88 11.03 5.11
CA ARG B 66 -33.02 11.99 5.05
C ARG B 66 -33.63 12.17 6.45
N TYR B 67 -33.67 11.09 7.26
CA TYR B 67 -34.15 11.15 8.66
C TYR B 67 -33.34 12.19 9.46
N GLY B 68 -32.12 12.51 8.96
CA GLY B 68 -31.27 13.57 9.48
C GLY B 68 -30.05 13.07 10.23
N LEU B 69 -29.40 11.97 9.79
CA LEU B 69 -28.22 11.42 10.45
C LEU B 69 -26.97 11.78 9.63
N ASN B 70 -25.86 11.83 10.35
CA ASN B 70 -24.57 12.24 9.82
C ASN B 70 -23.47 11.66 10.71
N THR B 71 -22.23 12.09 10.50
CA THR B 71 -21.07 11.61 11.29
C THR B 71 -21.22 11.87 12.81
N ASN B 72 -22.01 12.86 13.25
CA ASN B 72 -22.20 13.20 14.68
C ASN B 72 -23.31 12.35 15.31
N HIS B 73 -23.64 11.21 14.69
CA HIS B 73 -24.68 10.32 15.18
C HIS B 73 -24.19 8.88 15.19
N ARG B 74 -24.84 8.12 16.04
CA ARG B 74 -24.55 6.73 16.26
C ARG B 74 -25.87 5.97 16.19
N ILE B 75 -25.74 4.66 16.08
CA ILE B 75 -26.88 3.75 16.09
C ILE B 75 -26.49 2.51 16.86
N VAL B 76 -27.51 1.81 17.34
CA VAL B 76 -27.37 0.49 17.93
C VAL B 76 -28.06 -0.47 16.96
N VAL B 77 -27.48 -1.67 16.89
CA VAL B 77 -28.01 -2.82 16.14
C VAL B 77 -28.02 -3.99 17.14
N CYS B 78 -29.12 -4.09 17.85
CA CYS B 78 -29.29 -5.08 18.90
C CYS B 78 -30.07 -6.30 18.40
N SER B 79 -29.35 -7.27 17.84
CA SER B 79 -29.97 -8.49 17.31
C SER B 79 -29.07 -9.71 17.44
N GLU B 80 -29.75 -10.84 17.31
CA GLU B 80 -29.14 -12.16 17.23
C GLU B 80 -28.66 -12.35 15.79
N ASN B 81 -28.09 -13.52 15.47
CA ASN B 81 -27.65 -13.82 14.12
C ASN B 81 -28.89 -13.97 13.22
N SER B 82 -29.08 -13.06 12.26
CA SER B 82 -30.19 -13.13 11.30
C SER B 82 -29.77 -12.55 9.95
N LEU B 83 -30.61 -12.74 8.95
CA LEU B 83 -30.37 -12.24 7.57
C LEU B 83 -30.41 -10.71 7.53
N GLN B 84 -31.30 -10.19 8.40
CA GLN B 84 -31.64 -8.79 8.58
C GLN B 84 -30.46 -8.01 9.17
N PHE B 85 -29.70 -8.64 10.05
CA PHE B 85 -28.63 -8.03 10.85
C PHE B 85 -27.75 -7.05 10.08
N PHE B 86 -27.00 -7.49 9.08
CA PHE B 86 -26.02 -6.56 8.42
C PHE B 86 -26.68 -5.51 7.52
N MET B 87 -28.02 -5.45 7.42
CA MET B 87 -28.66 -4.43 6.58
C MET B 87 -28.44 -3.03 7.19
N PRO B 88 -28.70 -2.84 8.51
CA PRO B 88 -28.39 -1.54 9.21
C PRO B 88 -26.88 -1.22 9.28
N VAL B 89 -26.04 -2.24 9.39
CA VAL B 89 -24.56 -2.11 9.44
C VAL B 89 -24.06 -1.34 8.21
N LEU B 90 -24.28 -1.98 7.07
CA LEU B 90 -23.85 -1.47 5.79
C LEU B 90 -24.32 -0.01 5.64
N GLY B 91 -25.62 0.16 5.80
CA GLY B 91 -26.27 1.45 5.66
C GLY B 91 -25.51 2.57 6.36
N ALA B 92 -25.34 2.39 7.67
CA ALA B 92 -24.67 3.36 8.53
C ALA B 92 -23.25 3.66 8.03
N LEU B 93 -22.55 2.61 7.61
CA LEU B 93 -21.18 2.74 7.09
C LEU B 93 -21.14 3.59 5.81
N PHE B 94 -22.17 3.49 4.96
CA PHE B 94 -22.17 4.25 3.67
C PHE B 94 -22.31 5.76 3.87
N ILE B 95 -23.10 6.18 4.87
CA ILE B 95 -23.31 7.63 5.14
C ILE B 95 -22.24 8.18 6.12
N GLY B 96 -21.62 7.31 6.94
CA GLY B 96 -20.61 7.74 7.95
C GLY B 96 -21.14 7.72 9.39
N VAL B 97 -22.26 7.04 9.64
CA VAL B 97 -22.82 6.91 11.00
C VAL B 97 -22.08 5.73 11.65
N ALA B 98 -21.56 5.95 12.86
CA ALA B 98 -20.86 4.90 13.60
C ALA B 98 -21.89 3.85 14.01
N VAL B 99 -21.46 2.59 14.12
CA VAL B 99 -22.35 1.48 14.50
C VAL B 99 -21.85 0.85 15.80
N ALA B 100 -22.75 0.70 16.79
CA ALA B 100 -22.43 0.05 18.05
C ALA B 100 -23.21 -1.26 18.12
N PRO B 101 -22.66 -2.37 17.62
CA PRO B 101 -23.41 -3.62 17.72
C PRO B 101 -23.65 -4.02 19.18
N ALA B 102 -24.89 -4.35 19.48
CA ALA B 102 -25.28 -4.81 20.80
C ALA B 102 -25.39 -6.33 20.73
N ASN B 103 -25.57 -6.91 21.90
CA ASN B 103 -25.62 -8.35 22.10
C ASN B 103 -27.07 -8.82 22.18
N ASP B 104 -27.34 -9.92 21.48
CA ASP B 104 -28.62 -10.62 21.45
C ASP B 104 -29.19 -10.83 22.86
N ILE B 105 -28.41 -11.58 23.63
CA ILE B 105 -28.76 -12.14 24.95
C ILE B 105 -28.16 -11.32 26.11
N TYR B 106 -28.03 -10.02 25.97
CA TYR B 106 -27.42 -9.17 27.01
C TYR B 106 -28.43 -8.76 28.08
N ASN B 107 -28.04 -8.95 29.34
CA ASN B 107 -28.91 -8.57 30.45
C ASN B 107 -29.02 -7.04 30.45
N GLU B 108 -30.04 -6.58 31.16
CA GLU B 108 -30.43 -5.17 31.23
C GLU B 108 -29.25 -4.24 31.55
N ARG B 109 -28.51 -4.56 32.62
CA ARG B 109 -27.40 -3.68 33.11
C ARG B 109 -26.29 -3.62 32.05
N GLU B 110 -25.92 -4.77 31.47
CA GLU B 110 -24.92 -4.80 30.39
C GLU B 110 -25.44 -3.92 29.25
N LEU B 111 -26.64 -4.22 28.80
CA LEU B 111 -27.28 -3.54 27.67
C LEU B 111 -27.26 -2.03 27.90
N LEU B 112 -27.64 -1.58 29.11
CA LEU B 112 -27.67 -0.13 29.47
C LEU B 112 -26.27 0.49 29.36
N ASN B 113 -25.29 -0.21 29.92
CA ASN B 113 -23.90 0.24 29.98
C ASN B 113 -23.40 0.62 28.58
N SER B 114 -23.53 -0.33 27.67
CA SER B 114 -23.16 -0.21 26.25
C SER B 114 -23.90 0.94 25.56
N MET B 115 -25.20 0.98 25.77
CA MET B 115 -26.02 2.02 25.17
C MET B 115 -25.55 3.41 25.64
N ASN B 116 -25.43 3.60 26.96
CA ASN B 116 -24.95 4.87 27.59
C ASN B 116 -23.59 5.27 27.02
N ILE B 117 -22.78 4.28 26.69
CA ILE B 117 -21.49 4.50 26.05
C ILE B 117 -21.72 4.86 24.58
N SER B 118 -22.58 4.11 23.90
CA SER B 118 -22.82 4.32 22.46
C SER B 118 -23.49 5.66 22.14
N GLN B 119 -24.49 6.08 22.92
CA GLN B 119 -25.28 7.33 22.72
C GLN B 119 -25.89 7.35 21.32
N PRO B 120 -26.73 6.33 21.01
CA PRO B 120 -27.35 6.17 19.68
C PRO B 120 -28.68 6.90 19.45
N THR B 121 -28.83 7.63 18.33
CA THR B 121 -30.10 8.33 18.00
C THR B 121 -31.21 7.32 17.66
N VAL B 122 -30.87 6.32 16.83
CA VAL B 122 -31.81 5.28 16.37
C VAL B 122 -31.33 3.91 16.92
N VAL B 123 -32.28 3.04 17.25
CA VAL B 123 -31.99 1.68 17.76
C VAL B 123 -32.71 0.65 16.89
N PHE B 124 -31.93 -0.14 16.13
CA PHE B 124 -32.44 -1.25 15.36
C PHE B 124 -32.42 -2.43 16.32
N VAL B 125 -33.54 -3.16 16.46
CA VAL B 125 -33.65 -4.24 17.43
C VAL B 125 -34.50 -5.38 16.87
N SER B 126 -34.24 -6.56 17.41
CA SER B 126 -35.02 -7.76 17.19
C SER B 126 -36.33 -7.65 17.95
N LYS B 127 -37.30 -8.46 17.53
CA LYS B 127 -38.59 -8.53 18.22
C LYS B 127 -38.39 -9.18 19.60
N LYS B 128 -37.43 -10.09 19.71
CA LYS B 128 -37.05 -10.73 20.98
C LYS B 128 -36.46 -9.69 21.94
N GLY B 129 -35.56 -8.85 21.39
CA GLY B 129 -34.78 -7.87 22.16
C GLY B 129 -35.52 -6.60 22.51
N LEU B 130 -36.69 -6.35 21.94
CA LEU B 130 -37.43 -5.10 22.14
C LEU B 130 -37.70 -4.78 23.63
N GLN B 131 -38.28 -5.69 24.41
CA GLN B 131 -38.63 -5.32 25.84
C GLN B 131 -37.41 -5.01 26.70
N LYS B 132 -36.25 -5.58 26.42
CA LYS B 132 -35.05 -5.22 27.18
C LYS B 132 -34.60 -3.82 26.75
N ILE B 133 -34.77 -3.45 25.47
CA ILE B 133 -34.46 -2.10 24.99
C ILE B 133 -35.35 -1.11 25.72
N LEU B 134 -36.67 -1.28 25.61
CA LEU B 134 -37.70 -0.37 26.23
C LEU B 134 -37.39 -0.07 27.72
N ASN B 135 -36.95 -1.07 28.47
CA ASN B 135 -36.66 -0.95 29.91
C ASN B 135 -35.42 -0.06 30.10
N VAL B 136 -34.39 -0.36 29.34
CA VAL B 136 -33.13 0.41 29.31
C VAL B 136 -33.37 1.83 28.78
N GLN B 137 -34.22 1.96 27.76
CA GLN B 137 -34.56 3.23 27.09
C GLN B 137 -35.10 4.24 28.12
N LYS B 138 -35.84 3.77 29.12
CA LYS B 138 -36.38 4.62 30.21
C LYS B 138 -35.31 5.59 30.74
N LYS B 139 -34.04 5.17 30.81
CA LYS B 139 -32.95 6.01 31.32
C LYS B 139 -32.05 6.51 30.17
N LEU B 140 -32.55 6.62 28.93
CA LEU B 140 -31.69 7.01 27.77
C LEU B 140 -32.41 8.01 26.82
N PRO B 141 -32.49 9.31 27.22
CA PRO B 141 -33.05 10.46 26.46
C PRO B 141 -32.48 10.69 25.05
N ILE B 142 -31.30 10.15 24.75
CA ILE B 142 -30.70 10.25 23.41
C ILE B 142 -31.51 9.46 22.38
N ILE B 143 -32.02 8.28 22.76
CA ILE B 143 -32.75 7.38 21.85
C ILE B 143 -34.04 8.06 21.41
N GLN B 144 -34.10 8.46 20.14
CA GLN B 144 -35.27 9.14 19.57
C GLN B 144 -36.00 8.23 18.58
N LYS B 145 -35.68 6.93 18.50
CA LYS B 145 -36.31 6.01 17.54
C LYS B 145 -35.92 4.55 17.76
N ILE B 146 -36.90 3.67 17.85
CA ILE B 146 -36.68 2.23 17.85
C ILE B 146 -37.25 1.74 16.51
N ILE B 147 -36.45 0.99 15.76
CA ILE B 147 -36.85 0.35 14.51
C ILE B 147 -36.79 -1.16 14.74
N ILE B 148 -37.77 -1.89 14.23
CA ILE B 148 -37.85 -3.36 14.35
C ILE B 148 -37.26 -3.94 13.05
N MET B 149 -36.26 -4.81 13.20
CA MET B 149 -35.50 -5.33 12.05
C MET B 149 -36.22 -6.50 11.37
N ASP B 150 -36.71 -7.46 12.16
CA ASP B 150 -37.30 -8.69 11.63
C ASP B 150 -38.82 -8.59 11.51
N SER B 151 -39.27 -7.69 10.64
CA SER B 151 -40.69 -7.49 10.30
C SER B 151 -40.83 -6.65 9.03
N LYS B 152 -41.93 -6.88 8.32
CA LYS B 152 -42.29 -6.14 7.11
C LYS B 152 -42.98 -4.83 7.53
N THR B 153 -44.00 -4.99 8.36
CA THR B 153 -44.95 -3.94 8.80
C THR B 153 -44.56 -3.32 10.14
N ASP B 154 -45.31 -2.29 10.52
CA ASP B 154 -45.13 -1.58 11.79
C ASP B 154 -45.48 -2.57 12.91
N TYR B 155 -44.52 -2.92 13.76
CA TYR B 155 -44.73 -3.91 14.85
C TYR B 155 -45.05 -3.19 16.15
N GLN B 156 -46.08 -3.66 16.86
CA GLN B 156 -46.61 -3.06 18.13
C GLN B 156 -46.24 -1.58 18.20
N GLY B 157 -46.80 -0.85 17.24
CA GLY B 157 -46.58 0.59 17.05
C GLY B 157 -45.10 0.92 17.05
N PHE B 158 -44.36 0.44 16.07
CA PHE B 158 -42.90 0.68 15.87
C PHE B 158 -42.58 0.36 14.41
N GLN B 159 -41.91 1.29 13.75
CA GLN B 159 -41.57 1.14 12.36
C GLN B 159 -40.64 -0.04 12.10
N SER B 160 -40.79 -0.65 10.91
CA SER B 160 -39.90 -1.71 10.44
C SER B 160 -38.86 -1.03 9.55
N MET B 161 -37.81 -1.75 9.17
CA MET B 161 -36.77 -1.19 8.26
C MET B 161 -37.38 -0.84 6.90
N TYR B 162 -38.36 -1.65 6.48
CA TYR B 162 -39.07 -1.53 5.21
C TYR B 162 -40.01 -0.31 5.26
N THR B 163 -40.76 -0.16 6.35
CA THR B 163 -41.68 1.00 6.51
C THR B 163 -40.86 2.28 6.71
N PHE B 164 -39.75 2.20 7.48
CA PHE B 164 -38.83 3.35 7.71
C PHE B 164 -38.36 3.89 6.36
N VAL B 165 -37.72 3.02 5.59
CA VAL B 165 -37.30 3.29 4.21
C VAL B 165 -38.41 4.01 3.43
N THR B 166 -39.62 3.48 3.50
CA THR B 166 -40.82 4.02 2.81
C THR B 166 -41.10 5.49 3.22
N SER B 167 -41.12 5.76 4.53
CA SER B 167 -41.52 7.06 5.11
C SER B 167 -40.44 8.14 5.02
N HIS B 168 -39.26 7.85 4.45
CA HIS B 168 -38.19 8.84 4.28
C HIS B 168 -37.65 8.83 2.84
N LEU B 169 -37.55 7.68 2.18
CA LEU B 169 -37.12 7.72 0.79
C LEU B 169 -38.25 8.30 -0.06
N PRO B 170 -37.89 9.09 -1.08
CA PRO B 170 -38.90 9.59 -1.96
C PRO B 170 -39.30 8.40 -2.85
N PRO B 171 -40.57 8.37 -3.28
CA PRO B 171 -40.94 7.33 -4.21
C PRO B 171 -40.23 7.61 -5.55
N GLY B 172 -39.88 6.57 -6.28
CA GLY B 172 -39.19 6.76 -7.55
C GLY B 172 -37.72 7.14 -7.38
N PHE B 173 -37.10 6.51 -6.39
CA PHE B 173 -35.69 6.67 -6.10
C PHE B 173 -34.99 5.40 -6.60
N ASN B 174 -33.94 5.57 -7.40
CA ASN B 174 -33.17 4.42 -7.92
C ASN B 174 -32.03 4.12 -6.93
N GLU B 175 -31.89 2.84 -6.64
CA GLU B 175 -30.90 2.31 -5.69
C GLU B 175 -29.51 2.38 -6.34
N TYR B 176 -29.43 2.14 -7.65
CA TYR B 176 -28.16 2.06 -8.39
C TYR B 176 -27.64 3.45 -8.81
N ASP B 177 -28.37 4.53 -8.47
CA ASP B 177 -27.94 5.91 -8.70
C ASP B 177 -27.35 6.50 -7.39
N PHE B 178 -27.56 5.84 -6.22
CA PHE B 178 -27.01 6.26 -4.87
C PHE B 178 -25.47 6.33 -4.89
N VAL B 179 -24.94 7.35 -4.20
CA VAL B 179 -23.49 7.57 -4.00
C VAL B 179 -23.25 7.59 -2.48
N PRO B 180 -22.28 6.78 -1.98
CA PRO B 180 -21.95 6.75 -0.54
C PRO B 180 -21.06 7.94 -0.17
N GLU B 181 -21.21 8.41 1.08
CA GLU B 181 -20.55 9.64 1.54
C GLU B 181 -19.04 9.39 1.72
N SER B 182 -18.26 10.37 1.23
CA SER B 182 -16.80 10.40 1.31
C SER B 182 -16.41 11.34 2.45
N PHE B 183 -15.53 10.89 3.34
CA PHE B 183 -15.07 11.66 4.52
C PHE B 183 -13.68 11.14 4.96
N ASP B 184 -13.17 11.74 6.04
CA ASP B 184 -11.86 11.40 6.63
C ASP B 184 -11.99 10.06 7.38
N ARG B 185 -11.53 9.00 6.72
CA ARG B 185 -11.63 7.63 7.23
C ARG B 185 -10.80 7.43 8.50
N ASP B 186 -9.78 8.26 8.70
CA ASP B 186 -8.92 8.19 9.90
C ASP B 186 -9.75 8.70 11.09
N LYS B 187 -10.45 9.83 10.88
CA LYS B 187 -11.20 10.49 11.95
C LYS B 187 -12.62 9.92 12.10
N THR B 188 -13.31 9.55 11.03
CA THR B 188 -14.73 9.08 11.12
C THR B 188 -14.84 7.70 11.76
N ILE B 189 -15.59 7.62 12.86
CA ILE B 189 -15.74 6.38 13.58
C ILE B 189 -16.68 5.46 12.80
N ALA B 190 -16.23 4.24 12.57
CA ALA B 190 -16.99 3.21 11.86
C ALA B 190 -17.75 2.36 12.88
N LEU B 191 -17.03 1.77 13.83
CA LEU B 191 -17.62 0.83 14.77
C LEU B 191 -17.25 1.12 16.22
N ILE B 192 -18.23 0.90 17.09
CA ILE B 192 -18.12 0.96 18.54
C ILE B 192 -18.33 -0.47 19.02
N MET B 193 -17.27 -1.13 19.42
CA MET B 193 -17.34 -2.49 19.85
C MET B 193 -17.31 -2.51 21.37
N ASN B 194 -17.86 -3.58 21.91
CA ASN B 194 -18.04 -3.65 23.34
C ASN B 194 -16.80 -4.28 24.00
N SER B 195 -15.86 -3.42 24.43
CA SER B 195 -14.71 -3.88 25.25
C SER B 195 -15.36 -4.60 26.44
N SER B 196 -15.02 -5.86 26.67
CA SER B 196 -15.65 -6.66 27.74
C SER B 196 -14.87 -6.54 29.06
N GLY B 197 -14.41 -5.32 29.39
CA GLY B 197 -13.62 -5.08 30.57
C GLY B 197 -12.19 -5.51 30.32
N SER B 198 -11.97 -6.83 30.48
CA SER B 198 -10.70 -7.64 30.31
C SER B 198 -9.86 -7.56 31.60
N THR B 199 -9.83 -6.38 32.23
CA THR B 199 -9.22 -6.12 33.55
C THR B 199 -10.27 -5.48 34.50
N GLY B 200 -11.43 -5.01 34.02
CA GLY B 200 -12.44 -4.36 34.88
C GLY B 200 -13.87 -4.60 34.41
N LEU B 201 -14.62 -3.51 34.15
CA LEU B 201 -16.05 -3.54 33.71
C LEU B 201 -16.18 -2.92 32.29
N PRO B 202 -16.93 -3.58 31.35
CA PRO B 202 -17.13 -3.22 29.88
C PRO B 202 -17.07 -1.74 29.43
N LYS B 203 -16.39 -1.46 28.30
CA LYS B 203 -16.22 -0.05 27.79
C LYS B 203 -16.35 0.00 26.27
N GLY B 204 -16.41 1.22 25.72
CA GLY B 204 -16.60 1.43 24.28
C GLY B 204 -15.29 1.47 23.54
N VAL B 205 -15.22 0.85 22.36
CA VAL B 205 -14.00 0.76 21.54
C VAL B 205 -14.28 1.35 20.15
N ALA B 206 -13.86 2.59 19.98
CA ALA B 206 -14.05 3.34 18.74
C ALA B 206 -13.02 2.88 17.71
N LEU B 207 -13.52 2.29 16.60
CA LEU B 207 -12.73 1.70 15.48
C LEU B 207 -12.99 2.46 14.19
N PRO B 208 -12.09 3.37 13.77
CA PRO B 208 -12.35 4.12 12.53
C PRO B 208 -12.54 3.26 11.27
N HIS B 209 -12.94 3.94 10.19
CA HIS B 209 -13.13 3.31 8.87
C HIS B 209 -11.80 2.71 8.40
N ARG B 210 -10.70 3.44 8.52
CA ARG B 210 -9.34 2.99 8.11
C ARG B 210 -9.00 1.60 8.67
N THR B 211 -9.51 1.21 9.85
CA THR B 211 -9.25 -0.16 10.40
C THR B 211 -9.94 -1.23 9.56
N ALA B 212 -11.25 -1.06 9.31
CA ALA B 212 -12.04 -1.98 8.48
C ALA B 212 -11.57 -1.96 7.02
N CYS B 213 -10.90 -0.89 6.54
CA CYS B 213 -10.33 -0.83 5.16
C CYS B 213 -9.14 -1.80 5.04
N VAL B 214 -8.32 -1.81 6.10
CA VAL B 214 -7.15 -2.66 6.21
C VAL B 214 -7.61 -4.11 6.27
N ARG B 215 -8.62 -4.44 7.08
CA ARG B 215 -9.15 -5.83 7.19
C ARG B 215 -9.46 -6.41 5.81
N PHE B 216 -10.04 -5.63 4.90
CA PHE B 216 -10.42 -6.17 3.59
C PHE B 216 -9.17 -6.58 2.80
N SER B 217 -8.04 -5.90 3.01
CA SER B 217 -6.78 -6.28 2.38
C SER B 217 -6.42 -7.70 2.81
N HIS B 218 -6.61 -8.01 4.08
CA HIS B 218 -6.34 -9.37 4.61
C HIS B 218 -7.31 -10.42 4.04
N ALA B 219 -8.60 -10.07 4.07
CA ALA B 219 -9.69 -10.94 3.66
C ALA B 219 -9.54 -11.39 2.20
N ARG B 220 -9.11 -10.48 1.32
CA ARG B 220 -8.88 -10.82 -0.11
C ARG B 220 -7.50 -11.50 -0.31
N ASP B 221 -6.59 -11.43 0.66
CA ASP B 221 -5.23 -12.08 0.58
C ASP B 221 -5.41 -13.60 0.65
N PRO B 222 -4.88 -14.35 -0.35
CA PRO B 222 -5.04 -15.82 -0.40
C PRO B 222 -4.36 -16.56 0.77
N ILE B 223 -3.19 -16.07 1.20
CA ILE B 223 -2.44 -16.67 2.31
C ILE B 223 -3.18 -16.39 3.62
N PHE B 224 -3.31 -15.09 3.94
CA PHE B 224 -3.87 -14.62 5.23
C PHE B 224 -5.41 -14.51 5.23
N GLY B 225 -6.11 -15.03 4.20
CA GLY B 225 -7.57 -14.95 4.21
C GLY B 225 -8.24 -15.97 3.30
N ASN B 226 -8.75 -15.46 2.18
CA ASN B 226 -9.54 -16.23 1.26
C ASN B 226 -9.32 -15.67 -0.15
N GLN B 227 -9.01 -16.49 -1.14
CA GLN B 227 -8.86 -15.98 -2.50
C GLN B 227 -10.28 -15.67 -3.02
N ILE B 228 -10.44 -14.58 -3.76
CA ILE B 228 -11.77 -14.12 -4.24
C ILE B 228 -12.25 -15.12 -5.27
N ILE B 229 -12.95 -16.16 -4.85
CA ILE B 229 -13.57 -17.11 -5.81
C ILE B 229 -15.07 -16.97 -5.53
N PRO B 230 -15.83 -16.45 -6.52
CA PRO B 230 -17.22 -16.15 -6.23
C PRO B 230 -18.06 -17.42 -6.05
N ASP B 231 -19.14 -17.24 -5.28
CA ASP B 231 -20.12 -18.28 -4.92
C ASP B 231 -19.47 -19.36 -4.03
N THR B 232 -18.46 -18.99 -3.25
CA THR B 232 -17.97 -19.85 -2.17
C THR B 232 -18.97 -19.62 -1.03
N ALA B 233 -19.16 -20.63 -0.17
CA ALA B 233 -20.13 -20.60 0.91
C ALA B 233 -19.48 -20.93 2.25
N ILE B 234 -19.65 -20.03 3.21
CA ILE B 234 -19.15 -20.14 4.58
C ILE B 234 -20.35 -20.42 5.48
N LEU B 235 -20.13 -21.24 6.51
CA LEU B 235 -21.14 -21.50 7.54
C LEU B 235 -20.61 -20.81 8.80
N SER B 236 -21.26 -19.70 9.21
CA SER B 236 -20.83 -18.88 10.38
C SER B 236 -21.70 -19.14 11.60
N VAL B 237 -21.07 -19.52 12.71
CA VAL B 237 -21.73 -19.69 14.03
C VAL B 237 -20.94 -18.86 15.04
N VAL B 238 -20.66 -17.63 14.63
CA VAL B 238 -19.97 -16.62 15.44
C VAL B 238 -20.96 -15.46 15.71
N PRO B 239 -21.12 -15.05 16.99
CA PRO B 239 -21.90 -13.85 17.28
C PRO B 239 -21.35 -12.68 16.44
N PHE B 240 -22.21 -12.10 15.60
CA PHE B 240 -21.85 -11.04 14.67
C PHE B 240 -21.50 -9.71 15.37
N HIS B 241 -22.03 -9.48 16.57
CA HIS B 241 -21.78 -8.24 17.38
C HIS B 241 -20.31 -8.13 17.85
N HIS B 242 -19.69 -9.27 18.06
CA HIS B 242 -18.28 -9.34 18.40
C HIS B 242 -17.49 -9.24 17.08
N GLY B 243 -16.20 -8.90 17.18
CA GLY B 243 -15.29 -8.70 16.02
C GLY B 243 -15.07 -9.91 15.12
N PHE B 244 -15.10 -11.14 15.66
CA PHE B 244 -14.82 -12.42 14.89
C PHE B 244 -15.93 -12.71 13.89
N GLY B 245 -17.18 -12.46 14.25
CA GLY B 245 -18.29 -12.59 13.33
C GLY B 245 -18.42 -11.35 12.45
N MET B 246 -18.18 -10.18 13.07
CA MET B 246 -18.30 -8.81 12.46
C MET B 246 -17.39 -8.61 11.26
N PHE B 247 -16.08 -8.60 11.48
CA PHE B 247 -15.13 -8.26 10.40
C PHE B 247 -14.94 -9.41 9.38
N THR B 248 -15.15 -10.67 9.79
CA THR B 248 -15.08 -11.81 8.86
C THR B 248 -16.24 -11.72 7.85
N THR B 249 -17.44 -11.34 8.32
CA THR B 249 -18.64 -11.21 7.45
C THR B 249 -18.44 -10.05 6.46
N LEU B 250 -17.89 -8.93 6.93
CA LEU B 250 -17.56 -7.76 6.06
C LEU B 250 -16.49 -8.17 5.03
N GLY B 251 -15.60 -9.11 5.38
CA GLY B 251 -14.65 -9.69 4.42
C GLY B 251 -15.32 -10.62 3.40
N TYR B 252 -16.39 -11.32 3.81
CA TYR B 252 -17.16 -12.26 2.92
C TYR B 252 -18.01 -11.45 1.91
N LEU B 253 -18.73 -10.45 2.42
CA LEU B 253 -19.53 -9.57 1.58
C LEU B 253 -18.67 -8.99 0.45
N ILE B 254 -17.43 -8.58 0.78
CA ILE B 254 -16.54 -7.87 -0.17
C ILE B 254 -15.92 -8.85 -1.19
N CYS B 255 -15.82 -10.13 -0.84
CA CYS B 255 -15.36 -11.18 -1.78
C CYS B 255 -16.58 -11.75 -2.53
N GLY B 256 -17.79 -11.51 -2.04
CA GLY B 256 -19.03 -11.94 -2.71
C GLY B 256 -19.45 -13.36 -2.36
N PHE B 257 -19.12 -13.82 -1.16
CA PHE B 257 -19.39 -15.18 -0.77
C PHE B 257 -20.83 -15.34 -0.27
N ARG B 258 -21.19 -16.60 -0.04
CA ARG B 258 -22.49 -17.04 0.52
C ARG B 258 -22.30 -17.30 2.01
N VAL B 259 -22.67 -16.33 2.82
CA VAL B 259 -22.55 -16.43 4.25
C VAL B 259 -23.78 -17.17 4.78
N VAL B 260 -23.66 -18.48 4.98
CA VAL B 260 -24.76 -19.28 5.59
C VAL B 260 -24.66 -19.04 7.11
N LEU B 261 -25.79 -19.01 7.83
CA LEU B 261 -25.77 -18.74 9.31
C LEU B 261 -26.92 -19.46 10.02
N MET B 262 -26.95 -19.33 11.35
CA MET B 262 -28.00 -19.91 12.17
C MET B 262 -28.09 -19.19 13.52
N TYR B 263 -29.34 -18.92 13.94
CA TYR B 263 -29.69 -18.26 15.22
C TYR B 263 -29.03 -19.02 16.38
N ARG B 264 -29.51 -20.22 16.70
CA ARG B 264 -28.95 -21.05 17.77
C ARG B 264 -28.28 -22.27 17.13
N PHE B 265 -27.24 -22.78 17.79
CA PHE B 265 -26.50 -23.96 17.31
C PHE B 265 -27.23 -25.24 17.73
N GLU B 266 -27.08 -26.27 16.90
CA GLU B 266 -27.58 -27.65 17.18
C GLU B 266 -26.87 -28.57 16.18
N GLU B 267 -25.90 -29.37 16.66
CA GLU B 267 -25.03 -30.31 15.86
C GLU B 267 -25.69 -30.83 14.56
N GLU B 268 -26.83 -31.48 14.72
CA GLU B 268 -27.59 -32.17 13.65
C GLU B 268 -27.78 -31.29 12.41
N LEU B 269 -28.03 -29.99 12.59
CA LEU B 269 -28.19 -29.05 11.45
C LEU B 269 -26.81 -28.63 10.91
N PHE B 270 -25.86 -28.35 11.80
CA PHE B 270 -24.54 -27.84 11.40
C PHE B 270 -23.87 -28.68 10.32
N LEU B 271 -23.77 -29.98 10.54
CA LEU B 271 -23.09 -30.94 9.64
C LEU B 271 -23.89 -31.13 8.34
N ARG B 272 -25.20 -31.22 8.52
CA ARG B 272 -26.13 -31.31 7.42
C ARG B 272 -25.92 -30.05 6.56
N SER B 273 -25.77 -28.89 7.19
CA SER B 273 -25.55 -27.61 6.50
C SER B 273 -24.21 -27.65 5.74
N LEU B 274 -23.15 -28.13 6.40
CA LEU B 274 -21.78 -28.25 5.80
C LEU B 274 -21.80 -29.07 4.49
N GLN B 275 -22.61 -30.13 4.50
CA GLN B 275 -22.74 -31.06 3.38
C GLN B 275 -23.56 -30.48 2.23
N ASP B 276 -24.82 -30.14 2.51
CA ASP B 276 -25.86 -29.71 1.52
C ASP B 276 -25.51 -28.40 0.83
N TYR B 277 -25.16 -27.38 1.61
CA TYR B 277 -24.76 -26.07 1.08
C TYR B 277 -23.31 -26.12 0.57
N LYS B 278 -22.59 -27.23 0.78
CA LYS B 278 -21.23 -27.50 0.22
C LYS B 278 -20.24 -26.45 0.73
N ILE B 279 -20.20 -26.35 2.06
CA ILE B 279 -19.43 -25.35 2.78
C ILE B 279 -17.92 -25.60 2.55
N GLN B 280 -17.19 -24.53 2.20
CA GLN B 280 -15.73 -24.54 1.90
C GLN B 280 -14.90 -24.16 3.14
N SER B 281 -15.49 -23.38 4.05
CA SER B 281 -14.85 -22.96 5.31
C SER B 281 -15.92 -22.91 6.40
N ALA B 282 -15.73 -23.62 7.49
CA ALA B 282 -16.65 -23.49 8.63
C ALA B 282 -16.02 -22.45 9.55
N LEU B 283 -16.81 -21.92 10.48
CA LEU B 283 -16.37 -20.82 11.35
C LEU B 283 -16.99 -21.02 12.73
N LEU B 284 -16.25 -21.74 13.58
CA LEU B 284 -16.68 -22.07 14.94
C LEU B 284 -15.92 -21.21 15.95
N VAL B 285 -16.60 -20.88 17.04
CA VAL B 285 -15.93 -20.28 18.20
C VAL B 285 -15.43 -21.50 18.99
N PRO B 286 -14.25 -21.40 19.64
CA PRO B 286 -13.61 -22.51 20.39
C PRO B 286 -14.48 -23.46 21.27
N THR B 287 -15.65 -23.04 21.73
CA THR B 287 -16.47 -23.91 22.61
C THR B 287 -17.16 -25.07 21.86
N LEU B 288 -17.57 -24.88 20.61
CA LEU B 288 -18.26 -25.95 19.86
C LEU B 288 -17.35 -27.17 19.66
N PHE B 289 -16.03 -26.95 19.57
CA PHE B 289 -15.00 -28.00 19.37
C PHE B 289 -15.23 -29.19 20.31
N SER B 290 -15.55 -28.93 21.58
CA SER B 290 -15.83 -29.98 22.58
C SER B 290 -16.92 -30.93 22.07
N PHE B 291 -17.99 -30.42 21.47
CA PHE B 291 -19.08 -31.26 20.97
C PHE B 291 -18.62 -32.15 19.81
N PHE B 292 -17.64 -31.71 18.99
CA PHE B 292 -17.15 -32.46 17.80
C PHE B 292 -15.94 -33.34 18.10
N ALA B 293 -14.91 -32.76 18.73
CA ALA B 293 -13.60 -33.38 19.11
C ALA B 293 -13.62 -34.92 19.26
N LYS B 294 -14.68 -35.45 19.88
CA LYS B 294 -14.88 -36.90 20.05
C LYS B 294 -16.39 -37.18 20.00
N SER B 295 -17.03 -36.74 18.90
CA SER B 295 -18.47 -36.95 18.66
C SER B 295 -18.65 -38.18 17.77
N THR B 296 -19.86 -38.73 17.81
CA THR B 296 -20.22 -39.93 17.06
C THR B 296 -20.68 -39.58 15.63
N LEU B 297 -21.28 -38.41 15.43
CA LEU B 297 -22.04 -38.06 14.17
C LEU B 297 -21.25 -37.54 12.96
N ILE B 298 -20.02 -37.02 13.10
CA ILE B 298 -19.34 -36.27 11.99
C ILE B 298 -19.13 -37.10 10.70
N ASP B 299 -18.98 -38.42 10.77
CA ASP B 299 -18.65 -39.24 9.58
C ASP B 299 -19.90 -39.88 8.92
N LYS B 300 -21.12 -39.48 9.31
CA LYS B 300 -22.37 -39.95 8.66
C LYS B 300 -22.82 -38.93 7.60
N TYR B 301 -22.17 -37.75 7.56
CA TYR B 301 -22.38 -36.67 6.57
C TYR B 301 -21.08 -36.48 5.78
N ASP B 302 -21.20 -36.29 4.47
CA ASP B 302 -20.06 -36.11 3.59
C ASP B 302 -19.58 -34.66 3.65
N LEU B 303 -18.34 -34.45 4.13
CA LEU B 303 -17.74 -33.13 4.28
C LEU B 303 -16.53 -33.01 3.35
N SER B 304 -16.66 -33.52 2.12
CA SER B 304 -15.54 -33.59 1.18
C SER B 304 -15.20 -32.21 0.60
N ASN B 305 -16.10 -31.24 0.68
CA ASN B 305 -15.84 -29.90 0.15
C ASN B 305 -15.20 -29.02 1.22
N LEU B 306 -15.35 -29.36 2.52
CA LEU B 306 -14.83 -28.56 3.68
C LEU B 306 -13.30 -28.47 3.64
N HIS B 307 -12.80 -27.37 3.07
CA HIS B 307 -11.38 -27.09 2.92
C HIS B 307 -10.77 -26.70 4.26
N GLU B 308 -11.54 -26.18 5.22
CA GLU B 308 -10.96 -25.56 6.41
C GLU B 308 -11.96 -25.38 7.55
N ILE B 309 -11.44 -25.22 8.78
CA ILE B 309 -12.23 -24.86 10.00
C ILE B 309 -11.45 -23.76 10.74
N ALA B 310 -12.04 -22.56 10.82
CA ALA B 310 -11.45 -21.38 11.46
C ALA B 310 -12.03 -21.17 12.86
N SER B 311 -11.14 -20.91 13.83
CA SER B 311 -11.51 -20.64 15.23
C SER B 311 -10.83 -19.34 15.67
N GLY B 312 -11.47 -18.70 16.64
CA GLY B 312 -10.94 -17.49 17.22
C GLY B 312 -11.76 -16.92 18.35
N GLY B 313 -11.18 -15.87 18.90
CA GLY B 313 -11.76 -15.12 19.98
C GLY B 313 -11.68 -15.83 21.31
N ALA B 314 -10.78 -16.82 21.46
CA ALA B 314 -10.60 -17.56 22.75
C ALA B 314 -9.55 -18.67 22.62
N PRO B 315 -9.00 -19.18 23.75
CA PRO B 315 -7.98 -20.24 23.73
C PRO B 315 -8.54 -21.62 23.36
N LEU B 316 -7.71 -22.39 22.65
CA LEU B 316 -7.98 -23.73 22.09
C LEU B 316 -6.85 -24.67 22.51
N SER B 317 -7.23 -25.83 23.06
CA SER B 317 -6.26 -26.85 23.44
C SER B 317 -5.64 -27.44 22.17
N LYS B 318 -4.32 -27.63 22.20
CA LYS B 318 -3.53 -28.12 21.05
C LYS B 318 -3.86 -29.58 20.74
N GLU B 319 -4.42 -30.33 21.71
CA GLU B 319 -4.78 -31.75 21.58
C GLU B 319 -6.30 -31.92 21.31
N VAL B 320 -7.06 -30.82 21.35
CA VAL B 320 -8.51 -30.80 20.99
C VAL B 320 -8.62 -30.20 19.58
N GLY B 321 -7.89 -29.10 19.32
CA GLY B 321 -7.82 -28.48 18.00
C GLY B 321 -7.47 -29.51 16.94
N GLU B 322 -6.44 -30.30 17.20
CA GLU B 322 -6.05 -31.35 16.28
C GLU B 322 -7.12 -32.46 16.25
N ALA B 323 -7.58 -32.93 17.43
CA ALA B 323 -8.60 -34.02 17.57
C ALA B 323 -9.86 -33.75 16.74
N VAL B 324 -10.18 -32.47 16.49
CA VAL B 324 -11.32 -32.06 15.64
C VAL B 324 -10.92 -32.22 14.16
N ALA B 325 -9.77 -31.68 13.74
CA ALA B 325 -9.26 -31.76 12.32
C ALA B 325 -9.27 -33.20 11.77
N LYS B 326 -8.91 -34.18 12.63
CA LYS B 326 -8.93 -35.63 12.33
C LYS B 326 -10.38 -36.06 12.00
N ARG B 327 -11.35 -35.62 12.77
CA ARG B 327 -12.77 -36.02 12.57
C ARG B 327 -13.37 -35.30 11.38
N PHE B 328 -12.86 -34.13 11.04
CA PHE B 328 -13.36 -33.38 9.87
C PHE B 328 -12.51 -33.63 8.61
N HIS B 329 -11.37 -34.32 8.73
CA HIS B 329 -10.55 -34.73 7.58
C HIS B 329 -9.84 -33.51 6.98
N LEU B 330 -9.14 -32.78 7.86
CA LEU B 330 -8.45 -31.52 7.55
C LEU B 330 -6.98 -31.59 7.97
N PRO B 331 -6.12 -30.67 7.43
CA PRO B 331 -4.70 -30.61 7.82
C PRO B 331 -4.55 -30.13 9.29
N GLY B 332 -5.49 -29.30 9.75
CA GLY B 332 -5.48 -28.79 11.11
C GLY B 332 -6.61 -27.80 11.33
N ILE B 333 -6.35 -26.81 12.20
CA ILE B 333 -7.26 -25.71 12.54
C ILE B 333 -6.60 -24.35 12.22
N ARG B 334 -7.14 -23.69 11.21
CA ARG B 334 -6.78 -22.30 10.89
C ARG B 334 -7.13 -21.54 12.17
N GLN B 335 -6.18 -20.89 12.81
CA GLN B 335 -6.47 -20.11 14.02
C GLN B 335 -6.21 -18.62 13.77
N GLY B 336 -6.69 -17.85 14.72
CA GLY B 336 -6.44 -16.46 14.78
C GLY B 336 -6.50 -15.96 16.20
N TYR B 337 -5.73 -14.91 16.45
CA TYR B 337 -5.70 -14.20 17.72
C TYR B 337 -5.92 -12.72 17.38
N GLY B 338 -6.74 -12.07 18.20
CA GLY B 338 -7.05 -10.67 18.06
C GLY B 338 -7.77 -10.15 19.29
N LEU B 339 -7.58 -8.87 19.59
CA LEU B 339 -8.32 -8.21 20.63
C LEU B 339 -9.37 -7.39 19.89
N THR B 340 -10.39 -6.93 20.61
CA THR B 340 -11.44 -6.12 19.98
C THR B 340 -10.83 -4.77 19.62
N GLU B 341 -9.85 -4.35 20.42
CA GLU B 341 -9.18 -3.07 20.24
C GLU B 341 -8.17 -3.12 19.09
N THR B 342 -7.95 -4.27 18.45
CA THR B 342 -7.15 -4.38 17.24
C THR B 342 -8.08 -4.70 16.05
N THR B 343 -9.39 -4.51 16.22
CA THR B 343 -10.44 -4.75 15.22
C THR B 343 -10.75 -6.26 15.06
N SER B 344 -9.79 -6.96 14.43
CA SER B 344 -9.87 -8.35 13.98
C SER B 344 -8.57 -9.06 14.40
N ALA B 345 -8.36 -10.28 13.90
CA ALA B 345 -7.18 -11.07 14.26
C ALA B 345 -5.96 -10.43 13.60
N ILE B 346 -4.93 -10.20 14.39
CA ILE B 346 -3.64 -9.57 13.96
C ILE B 346 -2.54 -10.62 13.78
N LEU B 347 -2.74 -11.81 14.35
CA LEU B 347 -1.98 -13.03 14.11
C LEU B 347 -3.01 -14.02 13.55
N ILE B 348 -2.77 -14.50 12.32
CA ILE B 348 -3.67 -15.48 11.65
C ILE B 348 -2.79 -16.54 10.97
N THR B 349 -3.29 -17.77 10.99
CA THR B 349 -2.69 -18.92 10.37
C THR B 349 -2.67 -18.71 8.85
N PRO B 350 -1.48 -18.74 8.22
CA PRO B 350 -1.43 -18.59 6.76
C PRO B 350 -1.89 -19.90 6.10
N GLU B 351 -2.34 -19.84 4.83
CA GLU B 351 -2.86 -21.02 4.15
C GLU B 351 -1.72 -22.01 3.88
N GLY B 352 -1.98 -23.28 4.19
CA GLY B 352 -0.99 -24.37 4.01
C GLY B 352 0.23 -24.19 4.90
N ASP B 353 0.00 -23.79 6.17
CA ASP B 353 1.07 -23.46 7.13
C ASP B 353 0.43 -23.25 8.52
N ASP B 354 0.17 -24.36 9.21
CA ASP B 354 -0.31 -24.35 10.62
C ASP B 354 0.67 -25.18 11.47
N LYS B 355 0.73 -24.88 12.76
CA LYS B 355 1.57 -25.62 13.68
C LYS B 355 0.69 -26.09 14.85
N PRO B 356 0.27 -27.35 14.84
CA PRO B 356 -0.66 -28.04 15.71
C PRO B 356 -1.68 -27.10 16.39
N GLY B 357 -1.26 -26.37 17.43
CA GLY B 357 -2.10 -25.46 18.20
C GLY B 357 -1.41 -24.13 18.38
N ALA B 358 -1.35 -23.36 17.29
CA ALA B 358 -0.74 -22.00 17.23
C ALA B 358 -1.71 -21.04 16.56
N VAL B 359 -1.57 -19.76 16.88
CA VAL B 359 -2.48 -18.72 16.39
C VAL B 359 -2.09 -18.35 14.95
N GLY B 360 -0.80 -18.19 14.66
CA GLY B 360 -0.31 -17.88 13.29
C GLY B 360 0.69 -16.72 13.24
N LYS B 361 1.16 -16.46 12.02
CA LYS B 361 2.14 -15.40 11.73
C LYS B 361 1.42 -14.04 11.69
N VAL B 362 2.24 -12.98 11.68
CA VAL B 362 1.74 -11.61 11.76
C VAL B 362 1.15 -11.22 10.40
N VAL B 363 -0.04 -10.61 10.45
CA VAL B 363 -0.79 -10.19 9.27
C VAL B 363 -0.10 -8.97 8.64
N PRO B 364 -0.34 -8.74 7.32
CA PRO B 364 0.21 -7.56 6.64
C PRO B 364 -0.21 -6.26 7.34
N PHE B 365 0.68 -5.26 7.27
CA PHE B 365 0.59 -3.93 7.92
C PHE B 365 0.78 -4.04 9.45
N PHE B 366 1.03 -5.23 10.02
CA PHE B 366 1.20 -5.40 11.48
C PHE B 366 2.62 -5.86 11.84
N GLU B 367 2.96 -5.69 13.12
CA GLU B 367 4.24 -6.14 13.65
C GLU B 367 4.09 -6.43 15.14
N ALA B 368 4.25 -7.68 15.54
CA ALA B 368 4.15 -8.08 16.95
C ALA B 368 5.54 -8.44 17.51
N LYS B 369 5.69 -8.19 18.82
CA LYS B 369 6.93 -8.50 19.60
C LYS B 369 6.53 -8.97 20.99
N VAL B 370 7.46 -9.55 21.76
CA VAL B 370 7.18 -9.84 23.19
C VAL B 370 8.25 -9.11 24.02
N VAL B 371 7.82 -8.58 25.15
CA VAL B 371 8.63 -7.80 26.05
C VAL B 371 8.78 -8.56 27.34
N ASP B 372 9.81 -8.19 28.10
CA ASP B 372 10.01 -8.73 29.43
C ASP B 372 8.87 -8.23 30.32
N LEU B 373 8.18 -9.17 30.99
CA LEU B 373 7.04 -8.87 31.87
C LEU B 373 7.39 -7.77 32.89
N ASP B 374 8.57 -7.82 33.52
CA ASP B 374 8.91 -6.87 34.60
C ASP B 374 9.76 -5.67 34.12
N THR B 375 10.26 -5.59 32.87
CA THR B 375 11.12 -4.41 32.48
C THR B 375 10.84 -3.82 31.09
N GLY B 376 10.09 -4.45 30.20
CA GLY B 376 9.75 -3.85 28.88
C GLY B 376 10.77 -4.10 27.77
N LYS B 377 11.90 -4.71 28.10
CA LYS B 377 12.95 -5.01 27.13
C LYS B 377 12.41 -5.99 26.10
N THR B 378 12.60 -5.69 24.80
CA THR B 378 12.11 -6.52 23.70
C THR B 378 12.85 -7.85 23.59
N LEU B 379 12.19 -8.96 24.02
CA LEU B 379 12.73 -10.35 24.05
C LEU B 379 12.64 -11.03 22.67
N GLY B 380 13.60 -11.90 22.41
CA GLY B 380 13.79 -12.60 21.13
C GLY B 380 13.27 -14.03 21.11
N VAL B 381 13.64 -14.72 20.04
CA VAL B 381 13.19 -16.12 19.67
C VAL B 381 13.04 -17.07 20.89
N ASN B 382 11.77 -17.32 21.26
CA ASN B 382 11.26 -18.33 22.26
C ASN B 382 11.20 -17.83 23.72
N GLN B 383 11.59 -16.60 24.08
CA GLN B 383 11.41 -16.20 25.49
C GLN B 383 9.94 -15.85 25.71
N ARG B 384 9.38 -16.28 26.86
CA ARG B 384 8.01 -15.96 27.28
C ARG B 384 7.99 -14.46 27.65
N GLY B 385 6.88 -13.77 27.44
CA GLY B 385 6.79 -12.33 27.77
C GLY B 385 5.40 -11.77 27.55
N GLU B 386 5.21 -10.44 27.48
CA GLU B 386 3.89 -9.81 27.21
C GLU B 386 3.85 -9.41 25.72
N LEU B 387 2.86 -9.92 24.96
CA LEU B 387 2.75 -9.63 23.50
C LEU B 387 2.35 -8.18 23.29
N CYS B 388 3.18 -7.46 22.53
CA CYS B 388 2.98 -6.05 22.15
C CYS B 388 2.82 -6.00 20.62
N VAL B 389 1.80 -5.28 20.17
CA VAL B 389 1.40 -5.29 18.77
C VAL B 389 1.19 -3.84 18.31
N ARG B 390 1.54 -3.55 17.06
CA ARG B 390 1.42 -2.23 16.47
C ARG B 390 1.07 -2.35 14.98
N GLY B 391 0.03 -1.63 14.56
CA GLY B 391 -0.46 -1.64 13.15
C GLY B 391 -1.66 -0.72 13.01
N PRO B 392 -2.22 -0.58 11.79
CA PRO B 392 -3.34 0.32 11.49
C PRO B 392 -4.75 -0.27 11.65
N MET B 393 -4.93 -1.35 12.43
CA MET B 393 -6.28 -1.86 12.79
C MET B 393 -6.54 -1.56 14.27
N ILE B 394 -5.56 -0.99 14.99
CA ILE B 394 -5.70 -0.62 16.40
C ILE B 394 -6.73 0.50 16.50
N MET B 395 -7.41 0.54 17.64
CA MET B 395 -8.45 1.54 17.88
C MET B 395 -7.84 2.94 18.01
N SER B 396 -8.70 3.94 17.80
CA SER B 396 -8.38 5.34 18.02
C SER B 396 -8.29 5.56 19.53
N GLY B 397 -9.21 4.95 20.26
CA GLY B 397 -9.23 5.02 21.72
C GLY B 397 -10.51 4.47 22.32
N TYR B 398 -10.50 4.40 23.65
CA TYR B 398 -11.69 4.03 24.42
C TYR B 398 -12.57 5.29 24.54
N VAL B 399 -13.88 5.13 24.34
CA VAL B 399 -14.86 6.27 24.35
C VAL B 399 -14.91 6.92 25.74
N ASN B 400 -14.57 8.22 25.82
CA ASN B 400 -14.55 9.03 27.07
C ASN B 400 -13.67 8.38 28.14
N ASN B 401 -12.56 7.76 27.71
CA ASN B 401 -11.70 7.02 28.66
C ASN B 401 -10.24 7.03 28.16
N PRO B 402 -9.61 8.24 28.05
CA PRO B 402 -8.19 8.33 27.64
C PRO B 402 -7.26 7.59 28.62
N GLU B 403 -7.54 7.69 29.92
CA GLU B 403 -6.76 7.02 30.96
C GLU B 403 -6.56 5.53 30.62
N ALA B 404 -7.66 4.79 30.39
CA ALA B 404 -7.60 3.37 30.02
C ALA B 404 -6.86 3.18 28.69
N THR B 405 -6.98 4.17 27.79
CA THR B 405 -6.31 4.13 26.49
C THR B 405 -4.78 4.24 26.67
N ASN B 406 -4.30 5.15 27.53
CA ASN B 406 -2.85 5.31 27.79
C ASN B 406 -2.38 4.18 28.72
N ALA B 407 -3.28 3.40 29.34
CA ALA B 407 -2.95 2.19 30.14
C ALA B 407 -2.69 0.99 29.20
N LEU B 408 -3.43 0.92 28.09
CA LEU B 408 -3.34 -0.19 27.10
C LEU B 408 -2.31 0.10 26.00
N ILE B 409 -2.39 1.28 25.39
CA ILE B 409 -1.50 1.69 24.31
C ILE B 409 -0.38 2.54 24.90
N ASP B 410 0.86 2.33 24.43
CA ASP B 410 2.06 3.04 24.93
C ASP B 410 2.41 4.25 24.04
N LYS B 411 3.35 5.04 24.56
CA LYS B 411 3.90 6.26 23.93
C LYS B 411 4.42 5.99 22.50
N ASP B 412 4.93 4.78 22.21
CA ASP B 412 5.46 4.44 20.87
C ASP B 412 4.42 3.71 20.00
N GLY B 413 3.13 3.71 20.37
CA GLY B 413 2.05 3.12 19.54
C GLY B 413 1.78 1.64 19.77
N TRP B 414 2.45 0.98 20.70
CA TRP B 414 2.24 -0.45 20.90
C TRP B 414 1.06 -0.70 21.85
N LEU B 415 0.16 -1.58 21.42
CA LEU B 415 -0.92 -2.09 22.28
C LEU B 415 -0.31 -3.23 23.09
N HIS B 416 -0.48 -3.24 24.41
CA HIS B 416 0.06 -4.27 25.30
C HIS B 416 -1.05 -5.29 25.62
N SER B 417 -1.06 -6.39 24.87
CA SER B 417 -2.08 -7.51 24.94
C SER B 417 -2.56 -7.87 26.34
N GLY B 418 -1.62 -8.09 27.25
CA GLY B 418 -1.92 -8.58 28.59
C GLY B 418 -2.03 -10.11 28.58
N ASP B 419 -1.25 -10.73 27.69
CA ASP B 419 -1.19 -12.17 27.47
C ASP B 419 0.28 -12.63 27.43
N ILE B 420 0.58 -13.77 28.06
CA ILE B 420 1.91 -14.36 28.02
C ILE B 420 2.02 -15.07 26.66
N ALA B 421 3.06 -14.80 25.89
CA ALA B 421 3.20 -15.41 24.55
C ALA B 421 4.69 -15.55 24.17
N TYR B 422 4.93 -16.30 23.11
CA TYR B 422 6.27 -16.55 22.57
C TYR B 422 6.18 -16.94 21.10
N TRP B 423 7.18 -16.52 20.34
CA TRP B 423 7.27 -16.84 18.90
C TRP B 423 8.37 -17.89 18.70
N ASP B 424 8.32 -18.62 17.58
CA ASP B 424 9.23 -19.78 17.34
C ASP B 424 10.05 -19.59 16.07
N GLU B 425 11.00 -20.53 15.87
CA GLU B 425 11.97 -20.59 14.74
C GLU B 425 11.39 -20.04 13.43
N ASP B 426 10.22 -20.57 13.05
CA ASP B 426 9.54 -20.25 11.78
C ASP B 426 8.54 -19.07 11.94
N GLU B 427 8.75 -18.19 12.92
CA GLU B 427 7.90 -17.00 13.22
C GLU B 427 6.46 -17.37 13.61
N HIS B 428 6.17 -18.61 14.05
CA HIS B 428 4.82 -18.94 14.56
C HIS B 428 4.72 -18.42 15.99
N PHE B 429 3.59 -17.77 16.32
CA PHE B 429 3.33 -17.18 17.66
C PHE B 429 2.46 -18.13 18.47
N PHE B 430 2.76 -18.25 19.76
CA PHE B 430 2.05 -19.11 20.70
C PHE B 430 1.56 -18.30 21.91
N ILE B 431 0.27 -18.41 22.25
CA ILE B 431 -0.26 -17.77 23.44
C ILE B 431 -0.05 -18.79 24.57
N VAL B 432 0.08 -18.30 25.78
CA VAL B 432 0.21 -19.13 26.96
C VAL B 432 -1.06 -18.90 27.76
N ASP B 433 -1.24 -17.67 28.27
CA ASP B 433 -2.39 -17.34 29.10
C ASP B 433 -2.53 -15.83 29.28
N ARG B 434 -3.77 -15.39 29.56
CA ARG B 434 -4.06 -14.02 29.98
C ARG B 434 -3.30 -13.80 31.29
N LEU B 435 -2.77 -12.59 31.47
CA LEU B 435 -1.96 -12.27 32.65
C LEU B 435 -2.88 -12.24 33.87
N LYS B 436 -4.08 -11.68 33.72
CA LYS B 436 -5.07 -11.66 34.82
C LYS B 436 -5.64 -13.07 35.06
N SER B 437 -5.61 -13.98 34.09
CA SER B 437 -6.15 -15.35 34.31
C SER B 437 -5.34 -16.16 35.34
N LEU B 438 -4.03 -15.87 35.48
CA LEU B 438 -3.12 -16.68 36.30
C LEU B 438 -3.57 -16.77 37.77
N ILE B 439 -3.50 -18.00 38.31
CA ILE B 439 -3.85 -18.36 39.70
C ILE B 439 -2.61 -18.14 40.60
N LYS B 440 -2.74 -17.28 41.62
CA LYS B 440 -1.69 -16.98 42.61
C LYS B 440 -1.71 -18.02 43.75
N TYR B 441 -0.91 -19.10 43.59
CA TYR B 441 -0.76 -20.16 44.62
C TYR B 441 0.52 -19.89 45.46
N LYS B 442 0.31 -19.24 46.60
CA LYS B 442 1.33 -18.85 47.59
C LYS B 442 2.23 -17.76 46.96
N GLY B 443 3.19 -18.18 46.16
CA GLY B 443 4.08 -17.29 45.38
C GLY B 443 4.17 -17.71 43.92
N TYR B 444 3.89 -18.98 43.62
CA TYR B 444 3.88 -19.52 42.26
C TYR B 444 2.69 -18.91 41.52
N GLN B 445 2.82 -18.81 40.19
CA GLN B 445 1.77 -18.30 39.29
C GLN B 445 1.40 -19.41 38.32
N VAL B 446 0.21 -19.97 38.54
CA VAL B 446 -0.31 -21.13 37.82
C VAL B 446 -1.18 -20.64 36.65
N ALA B 447 -1.06 -21.30 35.50
CA ALA B 447 -1.77 -20.94 34.25
C ALA B 447 -2.98 -21.87 34.02
N PRO B 448 -4.23 -21.36 34.17
CA PRO B 448 -5.43 -22.13 33.85
C PRO B 448 -5.57 -22.02 32.33
N ALA B 449 -5.20 -23.09 31.65
CA ALA B 449 -5.07 -23.22 30.17
C ALA B 449 -4.12 -24.39 29.93
N GLU B 450 -3.01 -24.35 30.68
CA GLU B 450 -2.04 -25.43 30.70
C GLU B 450 -2.67 -26.62 31.44
N LEU B 451 -3.39 -26.37 32.53
CA LEU B 451 -4.08 -27.43 33.27
C LEU B 451 -5.28 -27.89 32.43
N GLU B 452 -5.96 -26.95 31.77
CA GLU B 452 -7.07 -27.29 30.88
C GLU B 452 -6.58 -28.19 29.74
N SER B 453 -5.47 -27.80 29.11
CA SER B 453 -4.81 -28.54 28.02
C SER B 453 -4.66 -30.03 28.41
N ILE B 454 -4.13 -30.25 29.61
CA ILE B 454 -3.88 -31.58 30.16
C ILE B 454 -5.21 -32.32 30.31
N LEU B 455 -6.13 -31.75 31.09
CA LEU B 455 -7.45 -32.38 31.38
C LEU B 455 -8.06 -32.94 30.09
N LEU B 456 -8.16 -32.09 29.07
CA LEU B 456 -8.84 -32.42 27.79
C LEU B 456 -8.19 -33.59 27.03
N GLN B 457 -6.92 -33.91 27.29
CA GLN B 457 -6.30 -35.09 26.66
C GLN B 457 -6.94 -36.37 27.20
N HIS B 458 -7.33 -36.36 28.48
CA HIS B 458 -7.95 -37.53 29.14
C HIS B 458 -9.21 -37.91 28.36
N PRO B 459 -9.33 -39.17 27.90
CA PRO B 459 -10.50 -39.53 27.05
C PRO B 459 -11.86 -39.55 27.76
N ASN B 460 -11.89 -39.75 29.07
CA ASN B 460 -13.14 -39.71 29.84
C ASN B 460 -13.69 -38.27 29.96
N ILE B 461 -12.81 -37.24 29.84
CA ILE B 461 -13.15 -35.78 29.99
C ILE B 461 -13.60 -35.13 28.66
N PHE B 462 -14.85 -34.64 28.66
CA PHE B 462 -15.52 -33.98 27.53
C PHE B 462 -15.13 -32.50 27.46
N ASP B 463 -15.20 -31.82 28.61
CA ASP B 463 -14.81 -30.42 28.72
C ASP B 463 -14.52 -30.06 30.18
N ALA B 464 -13.65 -29.09 30.38
CA ALA B 464 -13.28 -28.63 31.71
C ALA B 464 -12.59 -27.25 31.67
N GLY B 465 -13.01 -26.41 32.60
CA GLY B 465 -12.47 -25.09 32.82
C GLY B 465 -11.78 -25.02 34.18
N VAL B 466 -10.54 -24.51 34.19
CA VAL B 466 -9.70 -24.37 35.38
C VAL B 466 -9.80 -22.93 35.87
N ALA B 467 -9.76 -22.81 37.19
CA ALA B 467 -9.85 -21.56 37.88
C ALA B 467 -9.13 -21.68 39.23
N GLY B 468 -9.28 -20.66 40.07
CA GLY B 468 -8.60 -20.59 41.34
C GLY B 468 -9.54 -20.41 42.52
N LEU B 469 -9.87 -21.51 43.15
CA LEU B 469 -10.66 -21.52 44.39
C LEU B 469 -9.83 -20.80 45.47
N PRO B 470 -10.42 -19.87 46.25
CA PRO B 470 -9.66 -19.12 47.28
C PRO B 470 -9.53 -19.78 48.66
N ASP B 471 -8.31 -20.22 48.99
CA ASP B 471 -7.99 -20.80 50.29
C ASP B 471 -7.35 -19.73 51.18
N ASP B 472 -7.67 -19.77 52.47
CA ASP B 472 -7.24 -18.73 53.44
C ASP B 472 -5.75 -18.87 53.83
N ASP B 473 -5.06 -19.96 53.50
CA ASP B 473 -3.63 -20.14 53.81
C ASP B 473 -2.80 -19.93 52.54
N ALA B 474 -3.11 -20.70 51.50
CA ALA B 474 -2.39 -20.70 50.21
C ALA B 474 -2.69 -19.45 49.36
N GLY B 475 -3.85 -18.82 49.57
CA GLY B 475 -4.29 -17.65 48.82
C GLY B 475 -5.27 -18.05 47.73
N GLU B 476 -4.85 -18.98 46.85
CA GLU B 476 -5.69 -19.47 45.74
C GLU B 476 -5.19 -20.83 45.24
N LEU B 477 -6.02 -21.89 45.40
CA LEU B 477 -5.72 -23.30 44.99
C LEU B 477 -6.29 -23.61 43.60
N PRO B 478 -5.47 -24.16 42.67
CA PRO B 478 -6.05 -24.56 41.39
C PRO B 478 -7.16 -25.62 41.56
N ALA B 479 -8.20 -25.46 40.75
CA ALA B 479 -9.37 -26.27 40.76
C ALA B 479 -10.04 -26.15 39.40
N ALA B 480 -10.87 -27.13 39.01
CA ALA B 480 -11.49 -27.09 37.66
C ALA B 480 -12.86 -27.76 37.64
N VAL B 481 -13.84 -27.12 37.01
CA VAL B 481 -15.17 -27.69 36.79
C VAL B 481 -14.98 -28.65 35.61
N VAL B 482 -15.56 -29.87 35.68
CA VAL B 482 -15.32 -30.90 34.65
C VAL B 482 -16.65 -31.43 34.11
N VAL B 483 -16.60 -31.83 32.84
CA VAL B 483 -17.72 -32.46 32.11
C VAL B 483 -17.13 -33.74 31.48
N LEU B 484 -17.89 -34.84 31.56
CA LEU B 484 -17.50 -36.17 31.05
C LEU B 484 -18.45 -36.59 29.92
N GLU B 485 -18.13 -37.65 29.17
CA GLU B 485 -19.06 -38.17 28.13
C GLU B 485 -20.18 -38.96 28.82
N HIS B 486 -21.27 -39.25 28.11
CA HIS B 486 -22.31 -40.10 28.69
C HIS B 486 -21.69 -41.50 28.85
N GLY B 487 -22.03 -42.15 29.96
CA GLY B 487 -21.55 -43.49 30.29
C GLY B 487 -20.11 -43.47 30.76
N LYS B 488 -19.79 -42.50 31.62
CA LYS B 488 -18.42 -42.31 32.14
C LYS B 488 -18.46 -41.87 33.61
N THR B 489 -17.46 -42.37 34.34
CA THR B 489 -17.25 -42.09 35.76
C THR B 489 -15.74 -42.03 36.01
N MET B 490 -15.38 -41.14 36.93
CA MET B 490 -14.05 -41.00 37.45
C MET B 490 -14.17 -40.41 38.86
N THR B 491 -13.32 -40.88 39.76
CA THR B 491 -13.25 -40.26 41.09
C THR B 491 -12.37 -39.02 40.93
N GLU B 492 -12.65 -38.01 41.74
CA GLU B 492 -11.86 -36.77 41.77
C GLU B 492 -10.37 -37.14 41.86
N LYS B 493 -10.03 -37.95 42.87
CA LYS B 493 -8.66 -38.40 43.15
C LYS B 493 -7.99 -38.90 41.85
N GLU B 494 -8.69 -39.64 40.99
CA GLU B 494 -8.12 -40.15 39.71
C GLU B 494 -7.67 -38.99 38.81
N ILE B 495 -8.52 -37.96 38.75
CA ILE B 495 -8.29 -36.76 37.92
C ILE B 495 -7.13 -35.97 38.56
N VAL B 496 -7.25 -35.71 39.87
CA VAL B 496 -6.27 -34.99 40.68
C VAL B 496 -4.87 -35.56 40.43
N ASP B 497 -4.75 -36.87 40.64
CA ASP B 497 -3.50 -37.63 40.48
C ASP B 497 -3.06 -37.66 39.01
N TYR B 498 -4.01 -37.79 38.08
CA TYR B 498 -3.72 -37.74 36.65
C TYR B 498 -3.02 -36.41 36.31
N VAL B 499 -3.51 -35.31 36.89
CA VAL B 499 -2.87 -33.99 36.65
C VAL B 499 -1.48 -34.01 37.30
N ALA B 500 -1.41 -34.44 38.57
CA ALA B 500 -0.16 -34.46 39.32
C ALA B 500 0.98 -35.11 38.55
N SER B 501 0.71 -36.19 37.82
CA SER B 501 1.77 -36.91 37.09
C SER B 501 2.30 -36.11 35.91
N GLN B 502 1.43 -35.65 35.02
CA GLN B 502 1.90 -35.00 33.75
C GLN B 502 2.43 -33.57 34.00
N VAL B 503 2.05 -32.93 35.12
CA VAL B 503 2.40 -31.52 35.43
C VAL B 503 3.76 -31.53 36.18
N THR B 504 4.08 -30.47 36.96
CA THR B 504 5.32 -30.37 37.78
C THR B 504 4.91 -30.77 39.22
N THR B 505 5.15 -29.90 40.24
CA THR B 505 4.77 -30.16 41.66
C THR B 505 4.18 -28.92 42.39
N ALA B 506 4.10 -27.76 41.74
CA ALA B 506 3.54 -26.50 42.30
C ALA B 506 2.17 -26.20 41.68
N LYS B 507 1.95 -26.68 40.46
CA LYS B 507 0.74 -26.43 39.67
C LYS B 507 -0.16 -27.69 39.69
N LYS B 508 -0.27 -28.26 40.90
CA LYS B 508 -1.14 -29.38 41.17
C LYS B 508 -2.52 -28.76 41.47
N LEU B 509 -3.53 -29.62 41.52
CA LEU B 509 -4.94 -29.26 41.63
C LEU B 509 -5.44 -29.53 43.05
N ARG B 510 -4.97 -28.74 44.00
CA ARG B 510 -5.28 -28.89 45.45
C ARG B 510 -6.70 -28.41 45.81
N GLY B 511 -7.40 -27.79 44.87
CA GLY B 511 -8.80 -27.44 45.05
C GLY B 511 -9.68 -28.54 44.49
N GLY B 512 -9.14 -29.42 43.66
CA GLY B 512 -9.85 -30.54 43.14
C GLY B 512 -10.81 -30.18 42.02
N VAL B 513 -11.77 -31.11 41.84
CA VAL B 513 -12.77 -31.11 40.76
C VAL B 513 -14.21 -31.01 41.30
N VAL B 514 -15.03 -30.34 40.49
CA VAL B 514 -16.48 -30.24 40.63
C VAL B 514 -17.04 -30.70 39.29
N PHE B 515 -18.04 -31.60 39.31
CA PHE B 515 -18.66 -32.17 38.10
C PHE B 515 -19.91 -31.34 37.75
N VAL B 516 -19.99 -30.91 36.50
CA VAL B 516 -21.04 -30.02 35.99
C VAL B 516 -21.50 -30.50 34.59
N ASP B 517 -22.62 -29.98 34.07
CA ASP B 517 -23.16 -30.36 32.73
C ASP B 517 -22.55 -29.48 31.65
N GLU B 518 -22.56 -28.19 31.92
CA GLU B 518 -22.06 -27.16 31.05
C GLU B 518 -20.88 -26.48 31.75
N VAL B 519 -19.82 -26.24 30.98
CA VAL B 519 -18.74 -25.37 31.42
C VAL B 519 -19.24 -23.97 31.08
N PRO B 520 -19.06 -22.99 31.92
CA PRO B 520 -19.54 -21.64 31.60
C PRO B 520 -18.74 -20.97 30.48
N LYS B 521 -19.43 -20.37 29.50
CA LYS B 521 -18.80 -19.77 28.30
C LYS B 521 -19.45 -18.42 27.95
N GLY B 522 -18.74 -17.49 27.31
CA GLY B 522 -19.27 -16.16 26.95
C GLY B 522 -19.68 -16.03 25.48
N LEU B 523 -20.56 -16.90 25.05
CA LEU B 523 -21.09 -16.98 23.65
C LEU B 523 -19.93 -16.88 22.65
N THR B 524 -19.08 -15.86 22.78
CA THR B 524 -17.82 -15.75 22.02
C THR B 524 -16.93 -16.99 22.28
N GLY B 525 -17.27 -17.77 23.33
CA GLY B 525 -16.60 -18.99 23.71
C GLY B 525 -15.85 -18.84 25.03
N LYS B 526 -15.34 -17.63 25.30
CA LYS B 526 -14.52 -17.32 26.48
C LYS B 526 -15.15 -17.89 27.76
N LEU B 527 -14.35 -18.61 28.55
CA LEU B 527 -14.86 -19.28 29.78
C LEU B 527 -15.17 -18.24 30.88
N ASP B 528 -16.46 -17.95 31.10
CA ASP B 528 -16.85 -16.95 32.09
C ASP B 528 -16.31 -17.38 33.47
N ALA B 529 -15.20 -16.78 33.86
CA ALA B 529 -14.49 -17.05 35.11
C ALA B 529 -15.36 -16.80 36.35
N ARG B 530 -16.19 -15.74 36.32
CA ARG B 530 -17.10 -15.41 37.43
C ARG B 530 -17.96 -16.62 37.77
N LYS B 531 -18.57 -17.19 36.73
CA LYS B 531 -19.48 -18.34 36.88
C LYS B 531 -18.68 -19.60 37.25
N ILE B 532 -17.44 -19.78 36.78
CA ILE B 532 -16.63 -20.97 37.17
C ILE B 532 -16.27 -20.80 38.65
N ARG B 533 -15.75 -19.65 39.02
CA ARG B 533 -15.38 -19.37 40.41
C ARG B 533 -16.64 -19.44 41.28
N GLU B 534 -17.82 -19.10 40.77
CA GLU B 534 -19.09 -19.20 41.53
C GLU B 534 -19.33 -20.65 41.96
N ILE B 535 -19.34 -21.54 40.98
CA ILE B 535 -19.63 -23.00 41.12
C ILE B 535 -18.66 -23.65 42.12
N LEU B 536 -17.38 -23.36 41.96
CA LEU B 536 -16.33 -23.91 42.83
C LEU B 536 -16.54 -23.44 44.27
N ILE B 537 -16.82 -22.16 44.45
CA ILE B 537 -16.99 -21.58 45.79
C ILE B 537 -18.22 -22.22 46.47
N LYS B 538 -19.36 -22.32 45.82
CA LYS B 538 -20.57 -22.97 46.44
C LYS B 538 -20.32 -24.45 46.80
N ALA B 539 -19.63 -25.16 45.90
CA ALA B 539 -19.38 -26.59 46.06
C ALA B 539 -18.33 -26.85 47.15
N LYS B 540 -17.18 -26.22 47.03
CA LYS B 540 -16.03 -26.48 47.93
C LYS B 540 -16.17 -25.74 49.27
N LYS B 541 -16.69 -24.51 49.27
CA LYS B 541 -16.82 -23.68 50.49
C LYS B 541 -18.29 -23.70 50.97
N GLY B 542 -19.17 -22.81 50.47
CA GLY B 542 -20.58 -22.74 50.91
C GLY B 542 -21.31 -21.50 50.41
N GLY B 543 -22.55 -21.34 50.84
CA GLY B 543 -23.42 -20.21 50.45
C GLY B 543 -23.78 -19.33 51.64
#